data_7F02
#
_entry.id   7F02
#
_cell.length_a   1.00
_cell.length_b   1.00
_cell.length_c   1.00
_cell.angle_alpha   90.00
_cell.angle_beta   90.00
_cell.angle_gamma   90.00
#
_symmetry.space_group_name_H-M   'P 1'
#
loop_
_entity.id
_entity.type
_entity.pdbx_description
1 polymer 'Cytochrome c biogenesis ATP-binding export protein CcmA'
2 polymer 'Heme exporter protein B'
3 polymer 'Heme exporter protein C'
4 polymer 'Heme exporter protein D'
5 non-polymer 'MAGNESIUM ION'
6 non-polymer 'PHOSPHATE ION'
7 non-polymer 1,2-Distearoyl-sn-glycerophosphoethanolamine
#
loop_
_entity_poly.entity_id
_entity_poly.type
_entity_poly.pdbx_seq_one_letter_code
_entity_poly.pdbx_strand_id
1 'polypeptide(L)'
;MGMLEARELLCERDERTLFSGLSFTLNAGEWVQITGSNGAGKTTLLRLLTGLSRPDAGEVLWQGQPLHQVRDSYHQNLLW
IGHQPGIKTRLTALENLHFYHRDGDTAQCLEALAQAGLAGFEDIPVNQLSAGQQRRVALARLWLTRATLWILDEPFTAID
VNGVDRLTQRMAQHTEQGGIVILTTHQPLNVAESKIRRISLTQTRAA
;
A,E
2 'polypeptide(L)'
;MMFWRIFRLELRVAFRHSAEIANPLWFFLIVITLFPLSIGPEPQLLARIAPGIIWVAALLSSLLALERLFRDDLQDGSLE
QLMLLPLPLPAVVLAKVMAHWMVTGLPLLILSPLVAMLLGMDVYGWQVMALTLLLGTPTLGFLGAPGVALTVGLKRGGVL
LSILVLPLTIPLLIFATAAMDAASMHLPVDGYLAILGALLAGTATLSPFATAAALRISIQ
;
B,F
3 'polypeptide(L)'
;MWKTLHQLAIPPRLYQICGWFIPWLAIASVVVLTVGWIWGFGFAPADYQQGNSYRIIYLHVPAAIWSMGIYASMAVAAFI
GLVWQMKMANLAVAAMAPIGAVFTFIALVTGSAWGKPMWGTWWVWDARLTSELVLLFLYVGVIALWHAFDDRRLAGRAAG
ILVLIGVVNLPIIHYSVEWWNTLHQGSTRMQQSIDPAMRSPLRWSIFGFLLLSATLTLMRMRNLILLMEKRRPWVSELIL
KRGRK
;
C
4 'polypeptide(L)' MTPAFASWNEFFAMGGYAFFVWLAVVMTVIPLVVLVVHSVMQHRAILRGVAQQRAREARLRAAQQQEAA D
#
loop_
_chem_comp.id
_chem_comp.type
_chem_comp.name
_chem_comp.formula
3PE non-polymer 1,2-Distearoyl-sn-glycerophosphoethanolamine 'C41 H82 N O8 P'
MG non-polymer 'MAGNESIUM ION' 'Mg 2'
PO4 non-polymer 'PHOSPHATE ION' 'O4 P -3'
#
# COMPACT_ATOMS: atom_id res chain seq x y z
N MET A 1 25.28 -37.35 21.53
CA MET A 1 25.62 -38.33 20.51
C MET A 1 24.53 -38.40 19.43
N GLY A 2 24.73 -37.66 18.36
CA GLY A 2 23.79 -37.66 17.26
C GLY A 2 22.96 -36.40 17.22
N MET A 3 22.62 -35.98 16.02
CA MET A 3 21.79 -34.79 15.80
C MET A 3 20.32 -35.13 16.02
N LEU A 4 19.43 -34.27 15.54
CA LEU A 4 17.99 -34.36 15.81
C LEU A 4 17.49 -35.79 15.83
N GLU A 5 16.90 -36.18 16.95
CA GLU A 5 16.45 -37.54 17.20
C GLU A 5 15.03 -37.50 17.75
N ALA A 6 14.13 -36.87 16.99
CA ALA A 6 12.74 -36.75 17.38
C ALA A 6 12.15 -38.11 17.73
N ARG A 7 11.72 -38.25 18.98
CA ARG A 7 11.28 -39.54 19.53
C ARG A 7 9.79 -39.50 19.80
N GLU A 8 9.08 -40.48 19.23
CA GLU A 8 7.65 -40.67 19.48
C GLU A 8 6.85 -39.39 19.23
N LEU A 9 7.10 -38.78 18.07
CA LEU A 9 6.33 -37.62 17.68
C LEU A 9 4.88 -37.99 17.44
N LEU A 10 3.97 -37.05 17.71
CA LEU A 10 2.55 -37.27 17.55
C LEU A 10 1.89 -35.98 17.11
N CYS A 11 1.10 -36.05 16.04
CA CYS A 11 0.37 -34.90 15.53
C CYS A 11 -1.05 -35.34 15.19
N GLU A 12 -2.02 -34.52 15.56
CA GLU A 12 -3.44 -34.84 15.41
C GLU A 12 -4.20 -33.64 14.84
N ARG A 13 -3.67 -33.06 13.76
CA ARG A 13 -4.35 -31.97 13.09
C ARG A 13 -5.75 -32.39 12.65
N ASP A 14 -6.73 -31.50 12.88
CA ASP A 14 -8.12 -31.74 12.55
C ASP A 14 -8.65 -32.98 13.27
N GLU A 15 -8.96 -34.03 12.50
CA GLU A 15 -9.48 -35.27 13.06
C GLU A 15 -8.67 -36.49 12.63
N ARG A 16 -7.47 -36.29 12.09
CA ARG A 16 -6.63 -37.37 11.61
C ARG A 16 -5.29 -37.36 12.34
N THR A 17 -4.74 -38.55 12.55
CA THR A 17 -3.40 -38.70 13.13
C THR A 17 -2.41 -38.75 11.98
N LEU A 18 -1.71 -37.64 11.76
CA LEU A 18 -0.77 -37.57 10.64
C LEU A 18 0.35 -38.58 10.79
N PHE A 19 0.90 -38.71 11.99
CA PHE A 19 1.96 -39.68 12.25
C PHE A 19 2.00 -39.97 13.74
N SER A 20 2.22 -41.25 14.07
CA SER A 20 2.30 -41.70 15.46
C SER A 20 3.51 -42.60 15.61
N GLY A 21 4.25 -42.41 16.69
CA GLY A 21 5.45 -43.21 16.93
C GLY A 21 6.53 -43.02 15.90
N LEU A 22 6.78 -41.78 15.47
CA LEU A 22 7.79 -41.48 14.47
C LEU A 22 9.09 -41.15 15.19
N SER A 23 9.82 -42.20 15.58
CA SER A 23 11.09 -42.05 16.30
C SER A 23 12.22 -42.38 15.32
N PHE A 24 12.85 -41.34 14.78
CA PHE A 24 13.95 -41.47 13.85
C PHE A 24 15.14 -40.64 14.33
N THR A 25 16.34 -41.12 14.02
CA THR A 25 17.57 -40.44 14.38
C THR A 25 18.32 -39.99 13.13
N LEU A 26 18.91 -38.80 13.20
CA LEU A 26 19.66 -38.22 12.08
C LEU A 26 21.12 -38.11 12.50
N ASN A 27 21.96 -38.97 11.95
CA ASN A 27 23.39 -38.95 12.24
C ASN A 27 24.03 -37.83 11.44
N ALA A 28 25.38 -37.76 11.46
CA ALA A 28 26.10 -36.72 10.75
C ALA A 28 26.37 -37.15 9.31
N GLY A 29 26.07 -36.26 8.37
CA GLY A 29 26.24 -36.57 6.97
C GLY A 29 25.08 -37.37 6.41
N GLU A 30 23.87 -36.83 6.52
CA GLU A 30 22.66 -37.55 6.15
C GLU A 30 21.85 -36.75 5.14
N TRP A 31 21.57 -37.37 4.00
CA TRP A 31 20.62 -36.87 3.02
C TRP A 31 19.33 -37.68 3.22
N VAL A 32 18.24 -37.00 3.57
CA VAL A 32 17.01 -37.71 3.91
C VAL A 32 15.83 -37.02 3.23
N GLN A 33 14.89 -37.83 2.76
CA GLN A 33 13.68 -37.35 2.10
C GLN A 33 12.45 -37.89 2.82
N ILE A 34 11.50 -37.01 3.12
CA ILE A 34 10.27 -37.39 3.79
C ILE A 34 9.26 -37.80 2.72
N THR A 35 9.01 -39.11 2.62
CA THR A 35 8.13 -39.65 1.59
C THR A 35 6.70 -39.70 2.08
N GLY A 36 5.79 -39.09 1.32
CA GLY A 36 4.38 -39.14 1.62
C GLY A 36 3.55 -38.80 0.40
N SER A 37 2.32 -38.35 0.63
CA SER A 37 1.45 -37.91 -0.47
C SER A 37 1.10 -36.44 -0.29
N ASN A 38 0.29 -35.89 -1.19
CA ASN A 38 -0.13 -34.50 -1.10
C ASN A 38 -1.32 -34.43 -0.15
N GLY A 39 -1.04 -34.10 1.09
CA GLY A 39 -2.07 -34.06 2.11
C GLY A 39 -1.56 -34.58 3.45
N ALA A 40 -0.46 -35.33 3.40
CA ALA A 40 0.15 -35.83 4.61
C ALA A 40 0.86 -34.68 5.35
N GLY A 41 1.22 -34.96 6.60
CA GLY A 41 1.85 -33.95 7.43
C GLY A 41 3.34 -33.78 7.19
N LYS A 42 3.74 -33.73 5.93
CA LYS A 42 5.13 -33.49 5.59
C LYS A 42 5.57 -32.06 5.82
N THR A 43 4.64 -31.10 5.74
CA THR A 43 4.91 -29.72 6.10
C THR A 43 4.81 -29.49 7.60
N THR A 44 4.08 -30.34 8.32
CA THR A 44 4.00 -30.27 9.77
C THR A 44 5.16 -30.95 10.46
N LEU A 45 5.68 -32.05 9.90
CA LEU A 45 6.88 -32.67 10.45
C LEU A 45 8.07 -31.72 10.35
N LEU A 46 8.18 -30.99 9.24
CA LEU A 46 9.28 -30.06 9.07
C LEU A 46 9.11 -28.80 9.92
N ARG A 47 7.93 -28.57 10.49
CA ARG A 47 7.73 -27.49 11.44
C ARG A 47 7.74 -27.98 12.88
N LEU A 48 7.60 -29.28 13.10
CA LEU A 48 7.86 -29.88 14.40
C LEU A 48 9.34 -30.12 14.65
N LEU A 49 10.16 -30.01 13.61
CA LEU A 49 11.59 -30.25 13.70
C LEU A 49 12.40 -28.98 13.91
N THR A 50 11.96 -27.85 13.36
CA THR A 50 12.63 -26.57 13.53
C THR A 50 12.25 -25.88 14.82
N GLY A 51 11.35 -26.45 15.60
CA GLY A 51 10.90 -25.82 16.82
C GLY A 51 9.83 -24.77 16.64
N LEU A 52 9.42 -24.48 15.41
CA LEU A 52 8.36 -23.51 15.18
C LEU A 52 7.04 -23.99 15.80
N SER A 53 6.73 -25.28 15.63
CA SER A 53 5.57 -25.89 16.26
C SER A 53 6.02 -26.77 17.41
N ARG A 54 5.04 -27.26 18.17
CA ARG A 54 5.31 -28.11 19.31
C ARG A 54 4.57 -29.43 19.14
N PRO A 55 5.22 -30.57 19.39
CA PRO A 55 4.52 -31.86 19.24
C PRO A 55 3.43 -32.01 20.28
N ASP A 56 2.38 -32.73 19.89
CA ASP A 56 1.33 -33.07 20.85
C ASP A 56 1.84 -34.01 21.93
N ALA A 57 2.74 -34.92 21.56
CA ALA A 57 3.39 -35.81 22.50
C ALA A 57 4.82 -36.04 22.04
N GLY A 58 5.68 -36.44 22.98
CA GLY A 58 7.08 -36.63 22.67
C GLY A 58 7.78 -35.30 22.46
N GLU A 59 9.05 -35.40 22.08
CA GLU A 59 9.87 -34.21 21.88
C GLU A 59 10.92 -34.48 20.81
N VAL A 60 11.43 -33.40 20.23
CA VAL A 60 12.56 -33.48 19.31
C VAL A 60 13.83 -33.18 20.11
N LEU A 61 14.79 -34.11 20.05
CA LEU A 61 15.94 -34.08 20.94
C LEU A 61 17.20 -33.78 20.12
N TRP A 62 17.48 -32.49 19.97
CA TRP A 62 18.65 -32.07 19.21
C TRP A 62 19.92 -32.22 20.03
N GLN A 63 20.91 -32.92 19.47
CA GLN A 63 22.22 -33.09 20.09
C GLN A 63 22.13 -33.64 21.51
N GLY A 64 21.09 -34.42 21.79
CA GLY A 64 20.90 -35.00 23.10
C GLY A 64 20.25 -34.10 24.12
N GLN A 65 19.80 -32.91 23.72
CA GLN A 65 19.12 -31.99 24.61
C GLN A 65 17.81 -31.54 24.01
N PRO A 66 16.79 -31.30 24.83
CA PRO A 66 15.50 -30.84 24.29
C PRO A 66 15.67 -29.54 23.51
N LEU A 67 14.92 -29.44 22.40
CA LEU A 67 15.11 -28.32 21.51
C LEU A 67 14.65 -27.00 22.13
N HIS A 68 13.58 -27.01 22.92
CA HIS A 68 13.10 -25.78 23.53
C HIS A 68 14.08 -25.23 24.56
N GLN A 69 14.92 -26.09 25.14
CA GLN A 69 15.87 -25.61 26.14
C GLN A 69 16.96 -24.75 25.51
N VAL A 70 17.74 -25.34 24.60
CA VAL A 70 18.91 -24.63 24.09
C VAL A 70 18.49 -23.48 23.18
N ARG A 71 17.92 -23.79 22.02
CA ARG A 71 17.27 -22.81 21.13
C ARG A 71 18.16 -21.59 20.86
N ASP A 72 19.45 -21.67 21.20
CA ASP A 72 20.36 -20.56 20.94
C ASP A 72 21.59 -21.07 20.21
N SER A 73 22.05 -22.26 20.59
CA SER A 73 23.13 -22.94 19.90
C SER A 73 22.60 -23.91 18.84
N TYR A 74 21.37 -23.69 18.38
CA TYR A 74 20.77 -24.54 17.37
C TYR A 74 20.24 -23.70 16.22
N HIS A 75 19.82 -22.47 16.51
CA HIS A 75 19.37 -21.57 15.46
C HIS A 75 20.51 -21.03 14.61
N GLN A 76 21.75 -21.13 15.09
CA GLN A 76 22.91 -20.82 14.27
C GLN A 76 23.40 -22.01 13.47
N ASN A 77 22.84 -23.19 13.72
CA ASN A 77 23.16 -24.40 12.96
C ASN A 77 21.91 -24.95 12.31
N LEU A 78 21.11 -24.08 11.69
CA LEU A 78 19.86 -24.51 11.09
C LEU A 78 19.50 -23.57 9.95
N LEU A 79 19.03 -24.14 8.85
CA LEU A 79 18.63 -23.38 7.67
C LEU A 79 17.35 -23.99 7.13
N TRP A 80 16.21 -23.32 7.35
CA TRP A 80 14.91 -23.82 6.94
C TRP A 80 14.29 -22.84 5.95
N ILE A 81 13.99 -23.34 4.75
CA ILE A 81 13.28 -22.58 3.73
C ILE A 81 11.99 -23.33 3.43
N GLY A 82 10.86 -22.69 3.74
CA GLY A 82 9.56 -23.33 3.66
C GLY A 82 8.87 -23.13 2.33
N HIS A 83 7.56 -23.38 2.33
CA HIS A 83 6.77 -23.15 1.12
C HIS A 83 6.81 -21.70 0.71
N GLN A 84 6.66 -20.80 1.67
CA GLN A 84 6.85 -19.37 1.42
C GLN A 84 8.33 -19.02 1.55
N PRO A 85 8.92 -18.35 0.56
CA PRO A 85 10.37 -18.13 0.58
C PRO A 85 10.86 -17.39 1.82
N GLY A 86 10.08 -16.45 2.33
CA GLY A 86 10.49 -15.66 3.47
C GLY A 86 11.25 -14.40 3.15
N ILE A 87 11.26 -13.96 1.90
CA ILE A 87 11.94 -12.75 1.48
C ILE A 87 10.92 -11.64 1.30
N LYS A 88 11.29 -10.43 1.72
CA LYS A 88 10.40 -9.28 1.56
C LYS A 88 10.21 -8.97 0.09
N THR A 89 8.96 -8.70 -0.30
CA THR A 89 8.58 -8.55 -1.69
C THR A 89 8.75 -7.12 -2.20
N ARG A 90 9.45 -6.27 -1.46
CA ARG A 90 9.73 -4.91 -1.93
C ARG A 90 11.21 -4.64 -2.12
N LEU A 91 12.06 -5.21 -1.27
CA LEU A 91 13.49 -5.00 -1.39
C LEU A 91 14.06 -5.81 -2.55
N THR A 92 15.21 -5.36 -3.04
CA THR A 92 15.92 -6.10 -4.08
C THR A 92 16.53 -7.37 -3.49
N ALA A 93 16.88 -8.30 -4.39
CA ALA A 93 17.47 -9.56 -3.96
C ALA A 93 18.77 -9.34 -3.20
N LEU A 94 19.58 -8.37 -3.65
CA LEU A 94 20.85 -8.11 -2.99
C LEU A 94 20.62 -7.67 -1.54
N GLU A 95 19.61 -6.83 -1.30
CA GLU A 95 19.31 -6.43 0.07
C GLU A 95 18.84 -7.60 0.92
N ASN A 96 18.05 -8.50 0.33
CA ASN A 96 17.58 -9.66 1.07
C ASN A 96 18.74 -10.55 1.49
N LEU A 97 19.66 -10.83 0.57
CA LEU A 97 20.82 -11.64 0.94
C LEU A 97 21.79 -10.88 1.83
N HIS A 98 21.78 -9.55 1.76
CA HIS A 98 22.53 -8.74 2.73
C HIS A 98 21.98 -8.94 4.14
N PHE A 99 20.66 -8.99 4.26
CA PHE A 99 20.05 -9.33 5.54
C PHE A 99 20.46 -10.73 5.98
N TYR A 100 20.11 -11.74 5.18
CA TYR A 100 20.22 -13.13 5.61
C TYR A 100 21.67 -13.58 5.80
N HIS A 101 22.64 -12.85 5.26
CA HIS A 101 24.03 -13.16 5.53
C HIS A 101 24.39 -12.78 6.95
N ARG A 102 25.28 -13.57 7.55
CA ARG A 102 25.72 -13.33 8.91
C ARG A 102 26.93 -12.42 9.01
N ASP A 103 27.36 -11.83 7.89
CA ASP A 103 28.51 -10.93 7.90
C ASP A 103 28.17 -9.61 7.23
N GLY A 104 27.24 -9.63 6.27
CA GLY A 104 26.92 -8.43 5.52
C GLY A 104 28.06 -7.96 4.65
N ASP A 105 28.42 -8.77 3.65
CA ASP A 105 29.63 -8.54 2.88
C ASP A 105 29.40 -7.85 1.54
N THR A 106 28.25 -8.08 0.90
CA THR A 106 27.90 -7.54 -0.42
C THR A 106 28.93 -7.90 -1.48
N ALA A 107 29.79 -8.86 -1.20
CA ALA A 107 30.70 -9.45 -2.18
C ALA A 107 30.49 -10.95 -2.31
N GLN A 108 30.25 -11.65 -1.20
CA GLN A 108 29.78 -13.01 -1.27
C GLN A 108 28.32 -13.09 -1.67
N CYS A 109 27.54 -12.06 -1.36
CA CYS A 109 26.13 -12.04 -1.78
C CYS A 109 26.02 -11.97 -3.30
N LEU A 110 26.85 -11.16 -3.95
CA LEU A 110 26.87 -11.13 -5.41
C LEU A 110 27.32 -12.47 -5.98
N GLU A 111 28.28 -13.13 -5.35
CA GLU A 111 28.68 -14.46 -5.80
C GLU A 111 27.53 -15.44 -5.68
N ALA A 112 26.78 -15.36 -4.59
CA ALA A 112 25.62 -16.25 -4.41
C ALA A 112 24.55 -15.99 -5.47
N LEU A 113 24.27 -14.72 -5.74
CA LEU A 113 23.26 -14.36 -6.74
C LEU A 113 23.75 -14.59 -8.16
N ALA A 114 25.05 -14.81 -8.35
CA ALA A 114 25.57 -15.23 -9.65
C ALA A 114 25.71 -16.74 -9.77
N GLN A 115 25.75 -17.49 -8.68
CA GLN A 115 25.72 -18.95 -8.74
C GLN A 115 24.32 -19.51 -8.81
N ALA A 116 23.35 -18.87 -8.15
CA ALA A 116 21.96 -19.32 -8.23
C ALA A 116 21.43 -19.19 -9.64
N GLY A 117 21.73 -18.08 -10.31
CA GLY A 117 21.28 -17.88 -11.67
C GLY A 117 20.87 -16.45 -11.99
N LEU A 118 20.66 -15.64 -10.95
CA LEU A 118 20.21 -14.27 -11.12
C LEU A 118 21.39 -13.34 -11.39
N ALA A 119 22.04 -13.57 -12.53
CA ALA A 119 23.09 -12.67 -13.00
C ALA A 119 22.45 -11.49 -13.70
N GLY A 120 22.56 -10.30 -13.11
CA GLY A 120 21.95 -9.10 -13.64
C GLY A 120 20.66 -8.69 -12.96
N PHE A 121 20.21 -9.43 -11.95
CA PHE A 121 18.97 -9.13 -11.24
C PHE A 121 19.25 -8.81 -9.77
N GLU A 122 20.37 -8.14 -9.50
CA GLU A 122 20.74 -7.76 -8.14
C GLU A 122 20.26 -6.37 -7.79
N ASP A 123 19.54 -5.69 -8.68
CA ASP A 123 18.98 -4.38 -8.37
C ASP A 123 17.51 -4.24 -8.78
N ILE A 124 16.88 -5.29 -9.32
CA ILE A 124 15.46 -5.27 -9.62
C ILE A 124 14.71 -5.75 -8.39
N PRO A 125 13.67 -5.04 -7.93
CA PRO A 125 12.89 -5.54 -6.78
C PRO A 125 12.29 -6.91 -7.08
N VAL A 126 12.25 -7.76 -6.06
CA VAL A 126 11.89 -9.16 -6.27
C VAL A 126 10.45 -9.30 -6.75
N ASN A 127 9.57 -8.36 -6.39
CA ASN A 127 8.20 -8.41 -6.90
C ASN A 127 8.16 -8.21 -8.40
N GLN A 128 9.01 -7.33 -8.92
CA GLN A 128 9.09 -7.12 -10.37
C GLN A 128 9.68 -8.33 -11.08
N LEU A 129 10.38 -9.21 -10.36
CA LEU A 129 10.94 -10.41 -10.95
C LEU A 129 9.85 -11.43 -11.26
N SER A 130 10.27 -12.60 -11.70
CA SER A 130 9.34 -13.68 -12.03
C SER A 130 8.87 -14.38 -10.77
N ALA A 131 8.19 -15.51 -10.92
CA ALA A 131 7.76 -16.30 -9.77
C ALA A 131 8.79 -17.35 -9.37
N GLY A 132 9.40 -18.01 -10.35
CA GLY A 132 10.48 -18.93 -10.04
C GLY A 132 11.71 -18.22 -9.50
N GLN A 133 11.99 -17.02 -10.01
CA GLN A 133 13.17 -16.29 -9.58
C GLN A 133 13.04 -15.79 -8.14
N GLN A 134 11.81 -15.52 -7.68
CA GLN A 134 11.63 -15.18 -6.28
C GLN A 134 12.01 -16.33 -5.37
N ARG A 135 11.64 -17.55 -5.75
CA ARG A 135 12.07 -18.72 -4.99
C ARG A 135 13.58 -18.95 -5.12
N ARG A 136 14.13 -18.65 -6.30
CA ARG A 136 15.58 -18.81 -6.48
C ARG A 136 16.35 -17.82 -5.62
N VAL A 137 15.78 -16.64 -5.35
CA VAL A 137 16.43 -15.69 -4.44
C VAL A 137 16.57 -16.30 -3.06
N ALA A 138 15.50 -16.91 -2.54
CA ALA A 138 15.56 -17.52 -1.23
C ALA A 138 16.47 -18.75 -1.22
N LEU A 139 16.45 -19.54 -2.29
CA LEU A 139 17.32 -20.71 -2.37
C LEU A 139 18.77 -20.34 -2.68
N ALA A 140 19.05 -19.08 -2.99
CA ALA A 140 20.43 -18.63 -3.15
C ALA A 140 21.20 -18.64 -1.84
N ARG A 141 20.51 -18.75 -0.69
CA ARG A 141 21.19 -18.81 0.59
C ARG A 141 21.61 -20.25 0.90
N LEU A 142 22.29 -20.89 -0.05
CA LEU A 142 22.90 -22.18 0.19
C LEU A 142 24.40 -22.19 -0.05
N TRP A 143 24.93 -21.18 -0.75
CA TRP A 143 26.36 -20.97 -0.85
C TRP A 143 26.88 -20.01 0.22
N LEU A 144 26.00 -19.16 0.75
CA LEU A 144 26.38 -18.22 1.80
C LEU A 144 26.42 -18.91 3.16
N THR A 145 25.32 -19.55 3.55
CA THR A 145 25.19 -20.07 4.90
C THR A 145 26.18 -21.18 5.18
N ARG A 146 26.73 -21.18 6.40
CA ARG A 146 27.64 -22.21 6.88
C ARG A 146 26.99 -23.01 8.00
N ALA A 147 25.68 -23.19 7.93
CA ALA A 147 24.92 -23.92 8.93
C ALA A 147 24.82 -25.38 8.50
N THR A 148 25.31 -26.28 9.34
CA THR A 148 25.35 -27.69 8.98
C THR A 148 24.05 -28.41 9.30
N LEU A 149 22.93 -27.83 8.88
CA LEU A 149 21.63 -28.51 8.95
C LEU A 149 20.68 -27.76 8.04
N TRP A 150 20.20 -28.41 6.99
CA TRP A 150 19.26 -27.81 6.06
C TRP A 150 17.94 -28.57 6.12
N ILE A 151 16.85 -27.84 6.30
CA ILE A 151 15.50 -28.40 6.26
C ILE A 151 14.75 -27.64 5.18
N LEU A 152 14.70 -28.19 3.98
CA LEU A 152 14.14 -27.54 2.81
C LEU A 152 12.74 -28.08 2.55
N ASP A 153 11.76 -27.19 2.52
CA ASP A 153 10.37 -27.54 2.27
C ASP A 153 10.01 -27.14 0.85
N GLU A 154 9.78 -28.14 -0.02
CA GLU A 154 9.46 -27.93 -1.42
C GLU A 154 10.49 -27.03 -2.09
N PRO A 155 11.71 -27.49 -2.30
CA PRO A 155 12.73 -26.63 -2.92
C PRO A 155 12.48 -26.40 -4.40
N PHE A 156 12.14 -27.46 -5.13
CA PHE A 156 12.00 -27.40 -6.58
C PHE A 156 10.56 -27.09 -6.97
N THR A 157 10.08 -25.95 -6.52
CA THR A 157 8.67 -25.61 -6.72
C THR A 157 8.39 -24.98 -8.08
N ALA A 158 9.25 -24.06 -8.53
CA ALA A 158 9.03 -23.38 -9.80
C ALA A 158 10.34 -23.14 -10.55
N ILE A 159 11.31 -24.04 -10.40
CA ILE A 159 12.65 -23.84 -10.92
C ILE A 159 12.87 -24.77 -12.10
N ASP A 160 13.48 -24.24 -13.17
CA ASP A 160 13.72 -25.00 -14.39
C ASP A 160 14.69 -26.14 -14.14
N VAL A 161 14.93 -26.93 -15.19
CA VAL A 161 15.77 -28.12 -15.07
C VAL A 161 17.20 -27.73 -14.71
N ASN A 162 17.73 -26.67 -15.32
CA ASN A 162 19.09 -26.25 -15.03
C ASN A 162 19.25 -25.84 -13.57
N GLY A 163 18.31 -25.04 -13.05
CA GLY A 163 18.38 -24.65 -11.66
C GLY A 163 18.21 -25.83 -10.72
N VAL A 164 17.35 -26.78 -11.10
CA VAL A 164 17.18 -27.99 -10.30
C VAL A 164 18.49 -28.77 -10.23
N ASP A 165 19.18 -28.90 -11.37
CA ASP A 165 20.46 -29.59 -11.38
C ASP A 165 21.50 -28.85 -10.55
N ARG A 166 21.52 -27.52 -10.62
CA ARG A 166 22.45 -26.75 -9.82
C ARG A 166 22.20 -26.96 -8.33
N LEU A 167 20.93 -26.94 -7.91
CA LEU A 167 20.60 -27.15 -6.51
C LEU A 167 20.95 -28.56 -6.06
N THR A 168 20.65 -29.57 -6.90
CA THR A 168 20.98 -30.94 -6.55
C THR A 168 22.49 -31.16 -6.47
N GLN A 169 23.27 -30.45 -7.27
CA GLN A 169 24.72 -30.51 -7.14
C GLN A 169 25.22 -29.79 -5.91
N ARG A 170 24.61 -28.67 -5.55
CA ARG A 170 25.01 -27.95 -4.34
C ARG A 170 24.80 -28.80 -3.09
N MET A 171 23.67 -29.49 -3.01
CA MET A 171 23.38 -30.38 -1.89
C MET A 171 24.20 -31.65 -1.92
N ALA A 172 24.93 -31.91 -3.01
CA ALA A 172 25.77 -33.09 -3.09
C ALA A 172 27.16 -32.88 -2.51
N GLN A 173 27.54 -31.63 -2.24
CA GLN A 173 28.80 -31.35 -1.54
C GLN A 173 28.57 -31.09 -0.05
N HIS A 174 27.37 -30.63 0.31
CA HIS A 174 27.07 -30.36 1.71
C HIS A 174 27.09 -31.65 2.54
N THR A 175 26.44 -32.70 2.05
CA THR A 175 26.10 -33.86 2.87
C THR A 175 27.19 -34.91 2.95
N GLU A 176 28.45 -34.60 2.65
CA GLU A 176 29.53 -35.50 3.00
C GLU A 176 30.49 -34.88 4.00
N GLN A 177 30.74 -33.57 3.89
CA GLN A 177 31.66 -32.89 4.79
C GLN A 177 31.14 -32.96 6.22
N GLY A 178 30.06 -32.23 6.50
CA GLY A 178 29.37 -32.38 7.77
C GLY A 178 27.89 -32.11 7.67
N GLY A 179 27.39 -31.92 6.45
CA GLY A 179 26.05 -31.42 6.28
C GLY A 179 24.98 -32.49 6.48
N ILE A 180 23.78 -32.01 6.76
CA ILE A 180 22.60 -32.85 6.91
C ILE A 180 21.44 -32.12 6.26
N VAL A 181 20.81 -32.75 5.27
CA VAL A 181 19.75 -32.10 4.51
C VAL A 181 18.49 -32.95 4.55
N ILE A 182 17.35 -32.28 4.77
CA ILE A 182 16.04 -32.90 4.83
C ILE A 182 15.20 -32.30 3.71
N LEU A 183 14.65 -33.15 2.85
CA LEU A 183 13.84 -32.71 1.73
C LEU A 183 12.42 -33.24 1.83
N THR A 184 11.51 -32.52 1.18
CA THR A 184 10.15 -32.98 0.91
C THR A 184 9.78 -32.46 -0.48
N THR A 185 10.05 -33.29 -1.48
CA THR A 185 9.87 -32.90 -2.88
C THR A 185 9.05 -33.95 -3.60
N HIS A 186 8.16 -33.47 -4.48
CA HIS A 186 7.34 -34.36 -5.30
C HIS A 186 7.97 -34.64 -6.65
N GLN A 187 9.15 -34.06 -6.93
CA GLN A 187 9.91 -34.36 -8.12
C GLN A 187 11.04 -35.31 -7.77
N PRO A 188 11.16 -36.47 -8.40
CA PRO A 188 12.24 -37.39 -8.04
C PRO A 188 13.60 -36.75 -8.23
N LEU A 189 14.50 -37.00 -7.28
CA LEU A 189 15.84 -36.43 -7.33
C LEU A 189 16.71 -37.19 -8.33
N ASN A 190 17.45 -36.44 -9.14
CA ASN A 190 18.25 -37.03 -10.20
C ASN A 190 19.39 -37.88 -9.66
N VAL A 191 19.82 -37.65 -8.42
CA VAL A 191 20.90 -38.44 -7.84
C VAL A 191 20.41 -39.85 -7.57
N ALA A 192 21.34 -40.80 -7.59
CA ALA A 192 21.00 -42.20 -7.35
C ALA A 192 20.41 -42.38 -5.96
N GLU A 193 19.43 -43.28 -5.86
CA GLU A 193 18.72 -43.51 -4.59
C GLU A 193 19.57 -44.24 -3.56
N SER A 194 20.84 -44.51 -3.84
CA SER A 194 21.71 -45.13 -2.86
C SER A 194 22.29 -44.14 -1.85
N LYS A 195 22.23 -42.84 -2.14
CA LYS A 195 22.73 -41.81 -1.24
C LYS A 195 21.61 -41.06 -0.53
N ILE A 196 20.37 -41.53 -0.62
CA ILE A 196 19.23 -40.89 0.01
C ILE A 196 18.56 -41.89 0.94
N ARG A 197 18.34 -41.47 2.18
CA ARG A 197 17.55 -42.23 3.14
C ARG A 197 16.12 -41.70 3.11
N ARG A 198 15.16 -42.59 2.87
CA ARG A 198 13.76 -42.21 2.74
C ARG A 198 13.03 -42.56 4.01
N ILE A 199 12.41 -41.56 4.63
CA ILE A 199 11.64 -41.74 5.87
C ILE A 199 10.17 -41.69 5.50
N SER A 200 9.47 -42.78 5.77
CA SER A 200 8.04 -42.87 5.50
C SER A 200 7.26 -42.24 6.66
N LEU A 201 6.36 -41.32 6.32
CA LEU A 201 5.61 -40.57 7.33
C LEU A 201 4.52 -41.47 7.89
N THR A 202 4.96 -42.43 8.71
CA THR A 202 4.03 -43.40 9.29
C THR A 202 3.23 -42.77 10.43
N MET B 1 20.57 -12.52 14.33
CA MET B 1 21.57 -11.86 15.14
C MET B 1 21.51 -10.40 14.70
N MET B 2 22.27 -9.52 15.36
CA MET B 2 22.38 -8.11 15.01
C MET B 2 21.00 -7.44 15.03
N PHE B 3 20.46 -7.34 16.26
CA PHE B 3 19.24 -6.60 16.57
C PHE B 3 19.16 -5.31 15.77
N TRP B 4 20.28 -4.56 15.72
CA TRP B 4 20.30 -3.32 14.96
C TRP B 4 20.14 -3.56 13.47
N ARG B 5 20.60 -4.71 12.96
CA ARG B 5 20.37 -5.01 11.55
C ARG B 5 18.88 -5.21 11.27
N ILE B 6 18.16 -5.83 12.21
CA ILE B 6 16.71 -5.96 12.07
C ILE B 6 16.04 -4.60 12.10
N PHE B 7 16.50 -3.72 12.99
CA PHE B 7 15.95 -2.37 13.05
C PHE B 7 16.17 -1.62 11.73
N ARG B 8 17.38 -1.72 11.18
CA ARG B 8 17.69 -1.08 9.90
C ARG B 8 16.87 -1.70 8.78
N LEU B 9 16.64 -3.01 8.83
CA LEU B 9 15.79 -3.66 7.83
C LEU B 9 14.39 -3.10 7.85
N GLU B 10 13.80 -2.96 9.05
CA GLU B 10 12.44 -2.45 9.13
C GLU B 10 12.38 -0.99 8.67
N LEU B 11 13.40 -0.21 9.01
CA LEU B 11 13.46 1.17 8.51
C LEU B 11 13.54 1.19 6.99
N ARG B 12 14.36 0.32 6.40
CA ARG B 12 14.52 0.30 4.95
C ARG B 12 13.22 -0.10 4.26
N VAL B 13 12.54 -1.11 4.80
CA VAL B 13 11.27 -1.53 4.20
C VAL B 13 10.17 -0.51 4.47
N ALA B 14 10.35 0.36 5.45
CA ALA B 14 9.38 1.42 5.69
C ALA B 14 9.46 2.52 4.65
N PHE B 15 10.67 3.02 4.39
CA PHE B 15 10.89 4.10 3.42
C PHE B 15 11.84 3.59 2.33
N ARG B 16 11.31 3.34 1.13
CA ARG B 16 12.15 2.94 0.02
C ARG B 16 12.94 4.11 -0.54
N HIS B 17 12.35 5.30 -0.58
CA HIS B 17 12.99 6.50 -1.09
C HIS B 17 13.02 7.57 -0.03
N SER B 18 13.85 8.59 -0.25
CA SER B 18 13.96 9.72 0.66
C SER B 18 12.78 10.68 0.57
N ALA B 19 11.92 10.52 -0.43
CA ALA B 19 10.74 11.36 -0.58
C ALA B 19 9.53 10.81 0.15
N GLU B 20 9.63 9.60 0.72
CA GLU B 20 8.55 9.02 1.51
C GLU B 20 8.74 9.21 3.00
N ILE B 21 9.83 9.87 3.42
CA ILE B 21 10.04 10.16 4.83
C ILE B 21 9.01 11.16 5.32
N ALA B 22 8.55 12.06 4.46
CA ALA B 22 7.60 13.10 4.81
C ALA B 22 6.15 12.64 4.74
N ASN B 23 5.89 11.41 4.26
CA ASN B 23 4.52 10.93 4.16
C ASN B 23 3.79 10.91 5.50
N PRO B 24 4.38 10.40 6.60
CA PRO B 24 3.67 10.51 7.89
C PRO B 24 3.41 11.96 8.30
N LEU B 25 4.33 12.87 7.99
CA LEU B 25 4.10 14.28 8.33
C LEU B 25 2.86 14.81 7.62
N TRP B 26 2.73 14.52 6.32
CA TRP B 26 1.57 14.98 5.58
C TRP B 26 0.30 14.31 6.08
N PHE B 27 0.38 13.02 6.43
CA PHE B 27 -0.79 12.33 6.99
C PHE B 27 -1.24 12.98 8.28
N PHE B 28 -0.30 13.30 9.17
CA PHE B 28 -0.66 13.93 10.43
C PHE B 28 -1.22 15.33 10.22
N LEU B 29 -0.65 16.07 9.26
CA LEU B 29 -1.20 17.39 8.95
C LEU B 29 -2.62 17.30 8.45
N ILE B 30 -2.91 16.32 7.58
CA ILE B 30 -4.27 16.14 7.08
C ILE B 30 -5.22 15.80 8.22
N VAL B 31 -4.80 14.88 9.10
CA VAL B 31 -5.67 14.49 10.22
C VAL B 31 -5.92 15.69 11.13
N ILE B 32 -4.89 16.50 11.40
CA ILE B 32 -5.05 17.65 12.28
C ILE B 32 -6.01 18.66 11.66
N THR B 33 -5.82 18.97 10.38
CA THR B 33 -6.70 19.96 9.74
C THR B 33 -8.10 19.41 9.47
N LEU B 34 -8.29 18.09 9.57
CA LEU B 34 -9.63 17.53 9.38
C LEU B 34 -10.61 17.98 10.46
N PHE B 35 -10.12 18.38 11.63
CA PHE B 35 -11.02 18.72 12.74
C PHE B 35 -11.62 20.12 12.61
N PRO B 36 -10.83 21.17 12.34
CA PRO B 36 -11.43 22.52 12.27
C PRO B 36 -12.49 22.65 11.18
N LEU B 37 -12.37 21.88 10.09
CA LEU B 37 -13.39 21.92 9.05
C LEU B 37 -14.72 21.39 9.53
N SER B 38 -14.73 20.58 10.59
CA SER B 38 -15.95 20.04 11.17
C SER B 38 -16.43 20.80 12.39
N ILE B 39 -15.51 21.35 13.19
CA ILE B 39 -15.88 22.05 14.41
C ILE B 39 -16.00 23.55 14.17
N GLY B 40 -15.13 24.11 13.33
CA GLY B 40 -15.15 25.52 13.05
C GLY B 40 -13.79 26.16 13.29
N PRO B 41 -13.62 27.39 12.79
CA PRO B 41 -12.33 28.08 12.94
C PRO B 41 -12.13 28.79 14.27
N GLU B 42 -12.93 28.48 15.29
CA GLU B 42 -12.83 29.18 16.56
C GLU B 42 -11.49 28.87 17.22
N PRO B 43 -10.68 29.88 17.53
CA PRO B 43 -9.37 29.60 18.16
C PRO B 43 -9.47 29.19 19.61
N GLN B 44 -10.38 29.80 20.37
CA GLN B 44 -10.48 29.47 21.80
C GLN B 44 -11.13 28.11 22.00
N LEU B 45 -12.02 27.69 21.09
CA LEU B 45 -12.65 26.38 21.23
C LEU B 45 -11.70 25.26 20.85
N LEU B 46 -10.86 25.49 19.83
CA LEU B 46 -9.91 24.48 19.41
C LEU B 46 -8.75 24.32 20.38
N ALA B 47 -8.55 25.26 21.30
CA ALA B 47 -7.47 25.18 22.26
C ALA B 47 -7.78 24.26 23.42
N ARG B 48 -9.02 23.79 23.55
CA ARG B 48 -9.41 22.88 24.63
C ARG B 48 -9.59 21.45 24.17
N ILE B 49 -10.03 21.24 22.93
CA ILE B 49 -10.17 19.89 22.39
C ILE B 49 -8.90 19.42 21.68
N ALA B 50 -7.83 20.19 21.78
CA ALA B 50 -6.57 19.82 21.13
C ALA B 50 -6.00 18.49 21.63
N PRO B 51 -5.95 18.20 22.94
CA PRO B 51 -5.44 16.89 23.36
C PRO B 51 -6.16 15.72 22.71
N GLY B 52 -7.48 15.78 22.64
CA GLY B 52 -8.22 14.73 21.97
C GLY B 52 -7.86 14.62 20.51
N ILE B 53 -7.70 15.76 19.83
CA ILE B 53 -7.38 15.74 18.41
C ILE B 53 -6.04 15.05 18.18
N ILE B 54 -5.01 15.48 18.91
CA ILE B 54 -3.68 14.95 18.65
C ILE B 54 -3.59 13.49 19.06
N TRP B 55 -4.26 13.10 20.15
CA TRP B 55 -4.15 11.72 20.58
C TRP B 55 -4.98 10.79 19.71
N VAL B 56 -6.10 11.28 19.15
CA VAL B 56 -6.81 10.50 18.15
C VAL B 56 -5.93 10.30 16.92
N ALA B 57 -5.22 11.35 16.50
CA ALA B 57 -4.31 11.21 15.38
C ALA B 57 -3.21 10.19 15.67
N ALA B 58 -2.61 10.26 16.86
CA ALA B 58 -1.55 9.32 17.21
C ALA B 58 -2.06 7.89 17.29
N LEU B 59 -3.24 7.69 17.87
CA LEU B 59 -3.81 6.36 17.94
C LEU B 59 -4.13 5.82 16.55
N LEU B 60 -4.64 6.68 15.66
CA LEU B 60 -4.91 6.26 14.29
C LEU B 60 -3.63 5.83 13.59
N SER B 61 -2.56 6.61 13.74
CA SER B 61 -1.29 6.25 13.10
C SER B 61 -0.75 4.94 13.66
N SER B 62 -0.83 4.76 14.98
CA SER B 62 -0.34 3.53 15.59
C SER B 62 -1.13 2.33 15.09
N LEU B 63 -2.46 2.45 15.03
CA LEU B 63 -3.28 1.36 14.51
C LEU B 63 -2.95 1.07 13.05
N LEU B 64 -2.75 2.11 12.25
CA LEU B 64 -2.43 1.93 10.85
C LEU B 64 -1.10 1.22 10.66
N ALA B 65 -0.13 1.49 11.53
CA ALA B 65 1.18 0.86 11.41
C ALA B 65 1.25 -0.53 12.04
N LEU B 66 0.38 -0.85 12.99
CA LEU B 66 0.40 -2.19 13.58
C LEU B 66 0.04 -3.27 12.58
N GLU B 67 -0.67 -2.94 11.51
CA GLU B 67 -0.94 -3.93 10.46
C GLU B 67 0.34 -4.33 9.75
N ARG B 68 1.12 -3.34 9.30
CA ARG B 68 2.38 -3.66 8.63
C ARG B 68 3.46 -4.06 9.62
N LEU B 69 3.18 -3.94 10.92
CA LEU B 69 4.06 -4.56 11.91
C LEU B 69 4.16 -6.07 11.71
N PHE B 70 3.02 -6.75 11.61
CA PHE B 70 3.03 -8.20 11.63
C PHE B 70 2.31 -8.88 10.47
N ARG B 71 1.17 -8.30 10.03
CA ARG B 71 0.34 -8.99 9.05
C ARG B 71 1.09 -9.22 7.75
N ASP B 72 1.81 -8.21 7.26
CA ASP B 72 2.54 -8.37 6.00
C ASP B 72 3.64 -9.41 6.14
N ASP B 73 4.32 -9.43 7.29
CA ASP B 73 5.37 -10.42 7.50
C ASP B 73 4.81 -11.83 7.59
N LEU B 74 3.56 -11.96 8.06
CA LEU B 74 3.01 -13.28 8.31
C LEU B 74 2.93 -14.12 7.05
N GLN B 75 2.60 -13.50 5.91
CA GLN B 75 2.37 -14.28 4.69
C GLN B 75 3.62 -15.02 4.26
N ASP B 76 4.75 -14.32 4.11
CA ASP B 76 5.96 -14.94 3.59
C ASP B 76 7.09 -15.00 4.61
N GLY B 77 7.59 -13.87 5.10
CA GLY B 77 8.64 -13.94 6.09
C GLY B 77 8.22 -13.49 7.47
N SER B 78 7.86 -14.45 8.32
CA SER B 78 7.73 -14.21 9.75
C SER B 78 8.22 -15.39 10.57
N LEU B 79 8.37 -16.57 9.97
CA LEU B 79 8.97 -17.73 10.61
C LEU B 79 10.48 -17.72 10.46
N GLU B 80 11.03 -16.78 9.71
CA GLU B 80 12.47 -16.62 9.59
C GLU B 80 13.08 -15.84 10.73
N GLN B 81 12.39 -14.82 11.22
CA GLN B 81 12.83 -14.07 12.39
C GLN B 81 12.66 -14.86 13.69
N LEU B 82 11.98 -16.00 13.64
CA LEU B 82 11.87 -16.90 14.78
C LEU B 82 12.80 -18.10 14.66
N MET B 83 12.79 -18.78 13.51
CA MET B 83 13.69 -19.90 13.28
C MET B 83 15.15 -19.44 13.26
N LEU B 84 15.46 -18.44 12.45
CA LEU B 84 16.82 -17.93 12.37
C LEU B 84 17.02 -16.84 13.43
N LEU B 85 18.11 -16.08 13.30
CA LEU B 85 18.40 -14.97 14.20
C LEU B 85 18.48 -15.47 15.64
N PRO B 86 19.57 -16.17 16.00
CA PRO B 86 19.64 -16.83 17.31
C PRO B 86 19.47 -15.93 18.52
N LEU B 87 19.35 -14.62 18.35
CA LEU B 87 19.01 -13.78 19.49
C LEU B 87 17.58 -14.06 19.93
N PRO B 88 17.27 -13.88 21.21
CA PRO B 88 15.95 -14.27 21.72
C PRO B 88 14.82 -13.54 21.01
N LEU B 89 13.68 -14.24 20.90
CA LEU B 89 12.53 -13.68 20.20
C LEU B 89 12.07 -12.34 20.76
N PRO B 90 12.02 -12.11 22.10
CA PRO B 90 11.75 -10.75 22.59
C PRO B 90 12.55 -9.68 21.87
N ALA B 91 13.88 -9.84 21.86
CA ALA B 91 14.74 -8.88 21.16
C ALA B 91 14.44 -8.79 19.68
N VAL B 92 13.94 -9.87 19.08
CA VAL B 92 13.51 -9.82 17.69
C VAL B 92 12.27 -8.94 17.55
N VAL B 93 11.33 -9.07 18.49
CA VAL B 93 10.12 -8.25 18.43
C VAL B 93 10.45 -6.79 18.75
N LEU B 94 11.27 -6.56 19.78
CA LEU B 94 11.53 -5.21 20.27
C LEU B 94 11.97 -4.29 19.13
N ALA B 95 12.96 -4.71 18.35
CA ALA B 95 13.44 -3.89 17.25
C ALA B 95 12.28 -3.43 16.39
N LYS B 96 11.43 -4.36 15.98
CA LYS B 96 10.30 -4.00 15.12
C LYS B 96 9.48 -2.89 15.75
N VAL B 97 9.12 -3.05 17.03
CA VAL B 97 8.25 -2.05 17.64
C VAL B 97 8.99 -0.72 17.76
N MET B 98 10.29 -0.76 18.04
CA MET B 98 10.99 0.51 18.15
C MET B 98 11.25 1.13 16.79
N ALA B 99 11.10 0.37 15.71
CA ALA B 99 11.01 0.98 14.40
C ALA B 99 9.62 1.56 14.17
N HIS B 100 8.60 0.86 14.68
CA HIS B 100 7.22 1.34 14.54
C HIS B 100 7.07 2.74 15.11
N TRP B 101 7.63 2.98 16.29
CA TRP B 101 7.63 4.31 16.87
C TRP B 101 8.28 5.32 15.94
N MET B 102 9.42 4.97 15.34
CA MET B 102 10.10 5.89 14.44
C MET B 102 9.35 6.11 13.15
N VAL B 103 8.20 5.48 12.98
CA VAL B 103 7.30 5.79 11.88
C VAL B 103 6.05 6.52 12.35
N THR B 104 5.68 6.40 13.61
CA THR B 104 4.46 7.01 14.14
C THR B 104 4.70 8.04 15.23
N GLY B 105 5.84 7.99 15.91
CA GLY B 105 6.10 8.94 16.99
C GLY B 105 7.06 10.04 16.59
N LEU B 106 8.14 9.68 15.91
CA LEU B 106 9.10 10.69 15.45
C LEU B 106 8.50 11.70 14.49
N PRO B 107 7.72 11.31 13.47
CA PRO B 107 7.09 12.35 12.64
C PRO B 107 6.19 13.28 13.42
N LEU B 108 5.40 12.73 14.35
CA LEU B 108 4.55 13.57 15.19
C LEU B 108 5.38 14.43 16.15
N LEU B 109 6.48 13.89 16.67
CA LEU B 109 7.34 14.69 17.52
C LEU B 109 7.94 15.87 16.76
N ILE B 110 8.35 15.63 15.50
CA ILE B 110 8.91 16.70 14.68
C ILE B 110 7.84 17.72 14.32
N LEU B 111 6.63 17.26 14.00
CA LEU B 111 5.55 18.15 13.64
C LEU B 111 4.92 18.84 14.84
N SER B 112 5.29 18.44 16.06
CA SER B 112 4.74 19.04 17.28
C SER B 112 4.81 20.56 17.31
N PRO B 113 5.93 21.23 16.98
CA PRO B 113 5.90 22.70 16.97
C PRO B 113 4.88 23.28 16.01
N LEU B 114 4.64 22.64 14.87
CA LEU B 114 3.67 23.17 13.92
C LEU B 114 2.24 22.97 14.40
N VAL B 115 1.91 21.78 14.92
CA VAL B 115 0.54 21.49 15.33
C VAL B 115 0.20 22.08 16.69
N ALA B 116 1.19 22.54 17.45
CA ALA B 116 0.93 23.24 18.70
C ALA B 116 0.54 24.70 18.47
N MET B 117 0.71 25.20 17.25
CA MET B 117 0.30 26.56 16.91
C MET B 117 -0.81 26.61 15.87
N LEU B 118 -0.95 25.58 15.02
CA LEU B 118 -2.11 25.51 14.15
C LEU B 118 -3.40 25.41 14.95
N LEU B 119 -3.39 24.59 16.00
CA LEU B 119 -4.56 24.46 16.85
C LEU B 119 -4.75 25.70 17.73
N GLY B 120 -3.66 26.24 18.26
CA GLY B 120 -3.73 27.46 19.04
C GLY B 120 -3.29 27.30 20.48
N MET B 121 -2.36 26.38 20.73
CA MET B 121 -1.87 26.17 22.09
C MET B 121 -0.64 27.03 22.35
N ASP B 122 -0.38 27.27 23.64
CA ASP B 122 0.67 28.18 24.06
C ASP B 122 2.00 27.44 24.16
N VAL B 123 3.02 28.10 24.74
CA VAL B 123 4.33 27.49 24.87
C VAL B 123 4.30 26.36 25.90
N TYR B 124 3.55 26.56 27.00
CA TYR B 124 3.39 25.49 27.98
C TYR B 124 2.47 24.39 27.48
N GLY B 125 1.70 24.65 26.44
CA GLY B 125 0.93 23.63 25.76
C GLY B 125 1.74 22.84 24.75
N TRP B 126 3.04 23.09 24.68
CA TRP B 126 3.94 22.31 23.86
C TRP B 126 5.04 21.63 24.65
N GLN B 127 5.45 22.20 25.78
CA GLN B 127 6.43 21.53 26.63
C GLN B 127 5.87 20.23 27.18
N VAL B 128 4.62 20.24 27.66
CA VAL B 128 3.99 19.03 28.18
C VAL B 128 3.26 18.26 27.09
N MET B 129 3.09 18.83 25.91
CA MET B 129 2.59 18.08 24.77
C MET B 129 3.71 17.38 24.03
N ALA B 130 4.96 17.76 24.28
CA ALA B 130 6.11 17.03 23.78
C ALA B 130 6.54 15.94 24.74
N LEU B 131 6.58 16.24 26.04
CA LEU B 131 6.82 15.20 27.02
C LEU B 131 5.52 14.55 27.48
N THR B 132 4.64 14.30 26.51
CA THR B 132 3.56 13.32 26.62
C THR B 132 3.40 12.52 25.35
N LEU B 133 3.81 13.07 24.20
CA LEU B 133 3.80 12.39 22.92
C LEU B 133 5.11 11.70 22.64
N LEU B 134 6.09 11.87 23.52
CA LEU B 134 7.34 11.11 23.54
C LEU B 134 7.36 10.06 24.63
N LEU B 135 6.76 10.35 25.78
CA LEU B 135 6.71 9.44 26.91
C LEU B 135 5.61 8.40 26.80
N GLY B 136 4.65 8.59 25.90
CA GLY B 136 3.54 7.67 25.80
C GLY B 136 3.32 7.05 24.44
N THR B 137 3.85 7.68 23.39
CA THR B 137 3.66 7.14 22.04
C THR B 137 4.31 5.78 21.86
N PRO B 138 5.57 5.53 22.29
CA PRO B 138 6.09 4.15 22.19
C PRO B 138 5.24 3.16 22.95
N THR B 139 4.73 3.54 24.12
CA THR B 139 3.91 2.64 24.92
C THR B 139 2.72 2.13 24.12
N LEU B 140 2.16 2.98 23.25
CA LEU B 140 1.05 2.56 22.40
C LEU B 140 1.42 1.33 21.58
N GLY B 141 2.56 1.40 20.88
CA GLY B 141 3.00 0.25 20.12
C GLY B 141 3.32 -0.95 21.00
N PHE B 142 3.94 -0.70 22.16
CA PHE B 142 4.28 -1.81 23.05
C PHE B 142 3.03 -2.58 23.50
N LEU B 143 1.96 -1.89 23.88
CA LEU B 143 0.81 -2.66 24.35
C LEU B 143 -0.11 -3.06 23.21
N GLY B 144 0.06 -2.49 22.01
CA GLY B 144 -0.73 -2.94 20.87
C GLY B 144 -0.13 -4.14 20.14
N ALA B 145 1.18 -4.36 20.29
CA ALA B 145 1.79 -5.51 19.63
C ALA B 145 1.23 -6.84 20.09
N PRO B 146 1.08 -7.14 21.39
CA PRO B 146 0.55 -8.47 21.76
C PRO B 146 -0.84 -8.74 21.22
N GLY B 147 -1.73 -7.75 21.26
CA GLY B 147 -3.07 -7.96 20.71
C GLY B 147 -3.05 -8.15 19.21
N VAL B 148 -2.28 -7.33 18.50
CA VAL B 148 -2.24 -7.40 17.04
C VAL B 148 -1.64 -8.73 16.60
N ALA B 149 -0.67 -9.25 17.34
CA ALA B 149 -0.07 -10.54 16.99
C ALA B 149 -1.15 -11.62 16.88
N LEU B 150 -1.97 -11.76 17.93
CA LEU B 150 -3.05 -12.75 17.89
C LEU B 150 -4.11 -12.37 16.86
N THR B 151 -4.40 -11.07 16.71
CA THR B 151 -5.48 -10.65 15.83
C THR B 151 -5.19 -11.00 14.38
N VAL B 152 -3.98 -10.69 13.91
CA VAL B 152 -3.66 -10.89 12.49
C VAL B 152 -2.79 -12.12 12.25
N GLY B 153 -2.49 -12.90 13.29
CA GLY B 153 -1.69 -14.11 13.12
C GLY B 153 -2.45 -15.39 13.40
N LEU B 154 -3.32 -15.39 14.42
CA LEU B 154 -4.05 -16.59 14.78
C LEU B 154 -5.18 -16.83 13.79
N LYS B 155 -5.14 -17.97 13.10
CA LYS B 155 -6.23 -18.36 12.23
C LYS B 155 -7.41 -18.85 13.06
N ARG B 156 -8.61 -18.71 12.50
CA ARG B 156 -9.86 -19.09 13.15
C ARG B 156 -10.01 -18.36 14.49
N GLY B 157 -10.08 -17.05 14.41
CA GLY B 157 -10.24 -16.20 15.58
C GLY B 157 -11.57 -15.47 15.54
N GLY B 158 -12.21 -15.36 16.70
CA GLY B 158 -13.50 -14.74 16.81
C GLY B 158 -13.43 -13.25 17.04
N VAL B 159 -14.60 -12.65 17.28
CA VAL B 159 -14.66 -11.22 17.55
C VAL B 159 -14.09 -10.89 18.92
N LEU B 160 -13.97 -11.90 19.79
CA LEU B 160 -13.42 -11.69 21.13
C LEU B 160 -11.95 -11.33 21.12
N LEU B 161 -11.28 -11.41 19.98
CA LEU B 161 -9.88 -11.01 19.85
C LEU B 161 -9.73 -9.52 19.59
N SER B 162 -10.82 -8.78 19.49
CA SER B 162 -10.79 -7.34 19.24
C SER B 162 -10.63 -6.53 20.52
N ILE B 163 -10.76 -7.16 21.68
CA ILE B 163 -10.62 -6.47 22.96
C ILE B 163 -9.20 -6.60 23.51
N LEU B 164 -8.25 -7.03 22.67
CA LEU B 164 -6.87 -7.19 23.07
C LEU B 164 -5.92 -6.16 22.46
N VAL B 165 -6.41 -5.30 21.57
CA VAL B 165 -5.57 -4.29 20.95
C VAL B 165 -6.00 -2.87 21.35
N LEU B 166 -7.27 -2.52 21.18
CA LEU B 166 -7.74 -1.17 21.44
C LEU B 166 -8.11 -0.89 22.90
N PRO B 167 -8.90 -1.74 23.58
CA PRO B 167 -9.38 -1.36 24.93
C PRO B 167 -8.27 -1.15 25.94
N LEU B 168 -7.13 -1.83 25.83
CA LEU B 168 -6.05 -1.63 26.78
C LEU B 168 -5.37 -0.29 26.63
N THR B 169 -5.50 0.35 25.47
CA THR B 169 -4.95 1.69 25.29
C THR B 169 -5.77 2.76 25.99
N ILE B 170 -7.03 2.47 26.32
CA ILE B 170 -7.90 3.48 26.94
C ILE B 170 -7.30 4.06 28.22
N PRO B 171 -6.83 3.26 29.19
CA PRO B 171 -6.24 3.88 30.38
C PRO B 171 -5.00 4.70 30.10
N LEU B 172 -4.34 4.50 28.95
CA LEU B 172 -3.33 5.44 28.52
C LEU B 172 -3.97 6.75 28.09
N LEU B 173 -4.96 6.67 27.18
CA LEU B 173 -5.64 7.87 26.70
C LEU B 173 -6.42 8.55 27.80
N ILE B 174 -6.82 7.82 28.85
CA ILE B 174 -7.43 8.46 30.00
C ILE B 174 -6.43 9.39 30.68
N PHE B 175 -5.17 8.94 30.79
CA PHE B 175 -4.16 9.77 31.45
C PHE B 175 -3.68 10.89 30.55
N ALA B 176 -3.23 10.54 29.34
CA ALA B 176 -2.58 11.52 28.48
C ALA B 176 -3.49 12.68 28.15
N THR B 177 -4.71 12.40 27.69
CA THR B 177 -5.64 13.49 27.39
C THR B 177 -6.09 14.24 28.63
N ALA B 178 -5.93 13.64 29.81
CA ALA B 178 -6.20 14.35 31.05
C ALA B 178 -4.94 14.99 31.64
N ALA B 179 -3.79 14.81 31.00
CA ALA B 179 -2.57 15.46 31.45
C ALA B 179 -2.45 16.87 30.89
N MET B 180 -2.61 17.01 29.57
CA MET B 180 -2.55 18.33 28.95
C MET B 180 -3.69 19.23 29.40
N ASP B 181 -4.73 18.69 30.02
CA ASP B 181 -5.74 19.54 30.65
C ASP B 181 -5.11 20.43 31.70
N ALA B 182 -4.15 19.90 32.46
CA ALA B 182 -3.42 20.71 33.41
C ALA B 182 -2.60 21.80 32.72
N ALA B 183 -2.28 21.62 31.44
CA ALA B 183 -1.69 22.70 30.65
C ALA B 183 -2.70 23.75 30.26
N SER B 184 -3.95 23.35 30.01
CA SER B 184 -4.99 24.32 29.68
C SER B 184 -5.23 25.28 30.84
N MET B 185 -5.24 24.76 32.06
CA MET B 185 -5.39 25.58 33.26
C MET B 185 -4.06 26.15 33.75
N HIS B 186 -2.96 25.86 33.06
CA HIS B 186 -1.65 26.40 33.39
C HIS B 186 -1.22 26.02 34.81
N LEU B 187 -1.21 24.72 35.05
CA LEU B 187 -0.76 24.15 36.32
C LEU B 187 0.19 23.00 36.06
N PRO B 188 1.11 22.72 36.98
CA PRO B 188 2.13 21.69 36.73
C PRO B 188 1.51 20.30 36.68
N VAL B 189 1.78 19.58 35.58
CA VAL B 189 1.26 18.22 35.44
C VAL B 189 1.92 17.31 36.47
N ASP B 190 3.25 17.19 36.39
CA ASP B 190 4.05 16.40 37.34
C ASP B 190 3.52 14.98 37.53
N GLY B 191 2.69 14.78 38.56
CA GLY B 191 2.29 13.43 38.92
C GLY B 191 1.57 12.71 37.80
N TYR B 192 0.57 13.38 37.20
CA TYR B 192 -0.17 12.77 36.10
C TYR B 192 0.69 12.54 34.88
N LEU B 193 1.89 13.13 34.85
CA LEU B 193 2.90 12.80 33.85
C LEU B 193 3.92 11.81 34.37
N ALA B 194 4.21 11.83 35.67
CA ALA B 194 5.17 10.88 36.22
C ALA B 194 4.59 9.47 36.31
N ILE B 195 3.27 9.32 36.17
CA ILE B 195 2.67 8.00 36.14
C ILE B 195 2.65 7.42 34.72
N LEU B 196 2.87 8.24 33.70
CA LEU B 196 3.07 7.70 32.36
C LEU B 196 4.47 7.11 32.20
N GLY B 197 5.44 7.59 32.99
CA GLY B 197 6.75 6.97 32.99
C GLY B 197 6.72 5.57 33.57
N ALA B 198 5.91 5.36 34.63
CA ALA B 198 5.74 4.03 35.19
C ALA B 198 5.08 3.09 34.17
N LEU B 199 4.12 3.60 33.41
CA LEU B 199 3.51 2.80 32.36
C LEU B 199 4.54 2.41 31.31
N LEU B 200 5.40 3.36 30.92
CA LEU B 200 6.43 3.04 29.94
C LEU B 200 7.42 2.01 30.47
N ALA B 201 7.80 2.13 31.74
CA ALA B 201 8.75 1.20 32.35
C ALA B 201 8.14 -0.14 32.72
N GLY B 202 6.81 -0.24 32.74
CA GLY B 202 6.16 -1.51 33.03
C GLY B 202 5.58 -2.16 31.80
N THR B 203 5.65 -1.46 30.66
CA THR B 203 5.17 -1.98 29.39
C THR B 203 6.31 -2.18 28.40
N ALA B 204 7.47 -1.58 28.63
CA ALA B 204 8.66 -1.88 27.84
C ALA B 204 9.44 -3.05 28.42
N THR B 205 8.91 -3.67 29.49
CA THR B 205 9.55 -4.82 30.12
C THR B 205 8.72 -6.09 30.02
N LEU B 206 7.40 -6.01 29.93
CA LEU B 206 6.54 -7.18 29.86
C LEU B 206 5.82 -7.34 28.53
N SER B 207 5.84 -6.33 27.67
CA SER B 207 5.18 -6.44 26.36
C SER B 207 6.00 -7.23 25.35
N PRO B 208 7.32 -7.06 25.24
CA PRO B 208 8.08 -7.92 24.32
C PRO B 208 7.93 -9.40 24.62
N PHE B 209 7.94 -9.78 25.90
CA PHE B 209 7.77 -11.19 26.25
C PHE B 209 6.37 -11.67 25.91
N ALA B 210 5.35 -10.85 26.19
CA ALA B 210 3.98 -11.21 25.86
C ALA B 210 3.81 -11.36 24.35
N THR B 211 4.44 -10.48 23.57
CA THR B 211 4.36 -10.57 22.12
C THR B 211 5.08 -11.81 21.60
N ALA B 212 6.23 -12.15 22.19
CA ALA B 212 6.91 -13.37 21.81
C ALA B 212 6.04 -14.60 22.09
N ALA B 213 5.41 -14.63 23.26
CA ALA B 213 4.50 -15.72 23.58
C ALA B 213 3.32 -15.76 22.61
N ALA B 214 2.80 -14.58 22.24
CA ALA B 214 1.68 -14.53 21.31
C ALA B 214 2.07 -15.08 19.95
N LEU B 215 3.25 -14.71 19.44
CA LEU B 215 3.72 -15.26 18.18
C LEU B 215 3.90 -16.78 18.26
N ARG B 216 4.49 -17.25 19.36
CA ARG B 216 4.68 -18.69 19.52
C ARG B 216 3.35 -19.42 19.53
N ILE B 217 2.35 -18.88 20.23
CA ILE B 217 1.04 -19.51 20.26
C ILE B 217 0.38 -19.45 18.89
N SER B 218 0.55 -18.34 18.18
CA SER B 218 -0.10 -18.18 16.88
C SER B 218 0.45 -19.16 15.85
N ILE B 219 1.78 -19.27 15.75
CA ILE B 219 2.35 -20.17 14.76
C ILE B 219 2.08 -21.63 15.11
N GLN B 220 2.08 -21.95 16.40
CA GLN B 220 1.84 -23.32 16.84
C GLN B 220 0.40 -23.74 16.55
N GLN C 7 3.75 15.97 -37.21
CA GLN C 7 3.67 17.08 -36.28
C GLN C 7 3.75 16.59 -34.84
N LEU C 8 3.34 15.35 -34.61
CA LEU C 8 3.42 14.74 -33.27
C LEU C 8 3.66 13.24 -33.47
N ALA C 9 4.94 12.88 -33.45
CA ALA C 9 5.39 11.49 -33.52
C ALA C 9 6.50 11.26 -32.50
N ILE C 10 6.24 11.69 -31.26
CA ILE C 10 7.26 11.96 -30.26
C ILE C 10 8.31 10.86 -30.16
N PRO C 11 9.52 11.11 -30.66
CA PRO C 11 10.64 10.21 -30.44
C PRO C 11 11.36 10.59 -29.15
N PRO C 12 12.49 9.97 -28.83
CA PRO C 12 13.36 10.56 -27.81
C PRO C 12 14.11 11.77 -28.34
N ARG C 13 13.40 12.64 -29.05
CA ARG C 13 13.88 13.96 -29.43
C ARG C 13 13.32 15.04 -28.53
N LEU C 14 12.29 14.73 -27.73
CA LEU C 14 11.77 15.68 -26.77
C LEU C 14 12.87 16.22 -25.86
N TYR C 15 13.83 15.36 -25.50
CA TYR C 15 15.00 15.84 -24.76
C TYR C 15 15.78 16.86 -25.56
N GLN C 16 15.97 16.64 -26.86
CA GLN C 16 16.67 17.58 -27.70
C GLN C 16 15.75 18.68 -28.22
N ILE C 17 14.43 18.51 -28.10
CA ILE C 17 13.49 19.57 -28.46
C ILE C 17 13.38 20.61 -27.35
N CYS C 18 13.09 20.17 -26.13
CA CYS C 18 13.10 21.10 -25.00
C CYS C 18 14.48 21.21 -24.37
N GLY C 19 15.48 21.41 -25.22
CA GLY C 19 16.83 21.68 -24.77
C GLY C 19 17.31 22.98 -25.37
N TRP C 20 16.74 23.32 -26.53
CA TRP C 20 16.94 24.63 -27.13
C TRP C 20 16.03 25.68 -26.52
N PHE C 21 14.99 25.28 -25.80
CA PHE C 21 14.02 26.21 -25.23
C PHE C 21 14.20 26.45 -23.74
N ILE C 22 15.12 25.76 -23.08
CA ILE C 22 15.36 26.03 -21.65
C ILE C 22 16.24 27.27 -21.47
N PRO C 23 17.34 27.46 -22.24
CA PRO C 23 18.13 28.69 -22.07
C PRO C 23 17.33 29.97 -22.25
N TRP C 24 16.71 30.13 -23.42
CA TRP C 24 16.03 31.40 -23.72
C TRP C 24 14.74 31.57 -22.92
N LEU C 25 14.15 30.50 -22.41
CA LEU C 25 12.99 30.62 -21.54
C LEU C 25 13.39 30.74 -20.08
N ALA C 26 14.69 30.72 -19.78
CA ALA C 26 15.20 31.07 -18.47
C ALA C 26 15.91 32.41 -18.45
N ILE C 27 16.58 32.78 -19.56
CA ILE C 27 17.13 34.12 -19.69
C ILE C 27 16.04 35.17 -19.75
N ALA C 28 14.93 34.90 -20.44
CA ALA C 28 13.83 35.83 -20.56
C ALA C 28 12.76 35.63 -19.49
N SER C 29 12.92 34.66 -18.59
CA SER C 29 12.03 34.50 -17.46
C SER C 29 12.54 35.22 -16.22
N VAL C 30 13.76 35.76 -16.26
CA VAL C 30 14.27 36.59 -15.19
C VAL C 30 14.29 38.06 -15.56
N VAL C 31 14.24 38.40 -16.85
CA VAL C 31 14.07 39.79 -17.26
C VAL C 31 12.62 40.24 -17.17
N VAL C 32 11.68 39.31 -17.10
CA VAL C 32 10.27 39.63 -16.97
C VAL C 32 9.89 39.64 -15.49
N LEU C 33 10.59 38.83 -14.69
CA LEU C 33 10.34 38.84 -13.25
C LEU C 33 10.92 40.08 -12.60
N THR C 34 12.11 40.50 -13.01
CA THR C 34 12.74 41.69 -12.45
C THR C 34 12.20 42.98 -13.06
N VAL C 35 11.07 42.93 -13.74
CA VAL C 35 10.32 44.12 -14.12
C VAL C 35 8.95 43.99 -13.48
N GLY C 36 8.57 42.77 -13.14
CA GLY C 36 7.42 42.51 -12.31
C GLY C 36 7.72 42.57 -10.82
N TRP C 37 8.99 42.74 -10.45
CA TRP C 37 9.39 42.90 -9.05
C TRP C 37 10.18 44.16 -8.78
N ILE C 38 10.54 44.93 -9.80
CA ILE C 38 11.21 46.21 -9.61
C ILE C 38 10.35 47.38 -10.03
N TRP C 39 9.49 47.23 -11.03
CA TRP C 39 8.48 48.23 -11.33
C TRP C 39 7.34 48.18 -10.32
N GLY C 40 7.11 47.00 -9.73
CA GLY C 40 6.50 46.91 -8.42
C GLY C 40 7.57 46.79 -7.36
N PHE C 41 7.13 46.69 -6.11
CA PHE C 41 8.04 46.57 -4.97
C PHE C 41 9.05 47.72 -4.94
N GLY C 42 8.54 48.94 -5.11
CA GLY C 42 9.42 50.09 -5.11
C GLY C 42 9.02 51.22 -6.03
N PHE C 43 8.08 50.97 -6.94
CA PHE C 43 7.50 52.05 -7.74
C PHE C 43 5.99 52.12 -7.67
N ALA C 44 5.32 51.11 -7.15
CA ALA C 44 3.86 51.10 -7.02
C ALA C 44 3.45 51.74 -5.70
N PRO C 45 2.58 52.74 -5.72
CA PRO C 45 2.14 53.37 -4.46
C PRO C 45 1.38 52.37 -3.59
N ALA C 46 1.45 52.59 -2.28
CA ALA C 46 0.82 51.73 -1.31
C ALA C 46 -0.61 52.19 -1.03
N ASP C 47 -1.43 51.27 -0.54
CA ASP C 47 -2.83 51.56 -0.25
C ASP C 47 -2.96 52.30 1.08
N TYR C 48 -4.21 52.61 1.43
CA TYR C 48 -4.47 53.35 2.66
C TYR C 48 -4.58 52.40 3.86
N GLN C 49 -5.41 51.37 3.74
CA GLN C 49 -5.71 50.51 4.88
C GLN C 49 -4.47 49.75 5.36
N GLN C 50 -3.68 49.24 4.43
CA GLN C 50 -2.56 48.38 4.78
C GLN C 50 -1.20 49.07 4.70
N GLY C 51 -1.14 50.29 4.15
CA GLY C 51 0.13 50.99 4.07
C GLY C 51 1.11 50.24 3.18
N ASN C 52 2.39 50.29 3.55
CA ASN C 52 3.42 49.63 2.76
C ASN C 52 3.49 48.15 3.09
N SER C 53 2.34 47.49 3.07
CA SER C 53 2.25 46.04 3.14
C SER C 53 1.36 45.48 2.05
N TYR C 54 0.75 46.35 1.24
CA TYR C 54 -0.08 45.90 0.13
C TYR C 54 0.84 45.65 -1.05
N ARG C 55 1.91 44.89 -0.80
CA ARG C 55 2.93 44.59 -1.79
C ARG C 55 3.25 43.11 -1.87
N ILE C 56 2.74 42.30 -0.95
CA ILE C 56 2.92 40.85 -1.00
C ILE C 56 1.94 40.29 -2.03
N ILE C 57 1.24 41.18 -2.72
CA ILE C 57 0.41 40.77 -3.84
C ILE C 57 1.25 40.01 -4.87
N TYR C 58 2.37 40.61 -5.26
CA TYR C 58 3.23 40.07 -6.31
C TYR C 58 3.87 38.75 -5.92
N LEU C 59 3.95 38.44 -4.62
CA LEU C 59 4.49 37.17 -4.17
C LEU C 59 3.42 36.14 -3.84
N HIS C 60 2.17 36.56 -3.66
CA HIS C 60 1.09 35.67 -3.26
C HIS C 60 0.07 35.42 -4.37
N VAL C 61 -0.29 36.44 -5.13
CA VAL C 61 -1.29 36.28 -6.19
C VAL C 61 -0.71 35.50 -7.36
N PRO C 62 0.46 35.86 -7.91
CA PRO C 62 1.04 35.00 -8.96
C PRO C 62 1.38 33.61 -8.48
N ALA C 63 1.60 33.41 -7.18
CA ALA C 63 1.87 32.10 -6.63
C ALA C 63 0.60 31.34 -6.27
N ALA C 64 -0.56 31.99 -6.35
CA ALA C 64 -1.85 31.34 -6.15
C ALA C 64 -2.59 31.08 -7.46
N ILE C 65 -2.48 32.00 -8.42
CA ILE C 65 -3.06 31.77 -9.74
C ILE C 65 -2.40 30.58 -10.41
N TRP C 66 -1.07 30.47 -10.31
CA TRP C 66 -0.32 29.38 -10.89
C TRP C 66 -0.16 28.21 -9.92
N SER C 67 -0.78 28.28 -8.75
CA SER C 67 -0.89 27.11 -7.89
C SER C 67 -2.02 26.19 -8.35
N MET C 68 -3.10 26.77 -8.88
CA MET C 68 -4.18 26.02 -9.49
C MET C 68 -4.09 26.00 -11.00
N GLY C 69 -3.35 26.92 -11.61
CA GLY C 69 -3.15 26.91 -13.05
C GLY C 69 -2.23 25.83 -13.55
N ILE C 70 -1.46 25.20 -12.66
CA ILE C 70 -0.65 24.04 -13.03
C ILE C 70 -1.37 22.74 -12.77
N TYR C 71 -2.20 22.65 -11.74
CA TYR C 71 -3.00 21.46 -11.51
C TYR C 71 -4.09 21.31 -12.56
N ALA C 72 -4.59 22.41 -13.11
CA ALA C 72 -5.45 22.36 -14.27
C ALA C 72 -4.69 22.09 -15.56
N SER C 73 -3.37 22.26 -15.54
CA SER C 73 -2.52 21.86 -16.65
C SER C 73 -2.05 20.41 -16.53
N MET C 74 -2.04 19.85 -15.33
CA MET C 74 -1.83 18.42 -15.19
C MET C 74 -3.08 17.61 -15.50
N ALA C 75 -4.24 18.25 -15.52
CA ALA C 75 -5.45 17.57 -16.00
C ALA C 75 -5.35 17.26 -17.48
N VAL C 76 -4.91 18.23 -18.28
CA VAL C 76 -4.68 17.98 -19.69
C VAL C 76 -3.53 17.01 -19.88
N ALA C 77 -2.47 17.17 -19.10
CA ALA C 77 -1.33 16.25 -19.16
C ALA C 77 -1.69 14.84 -18.74
N ALA C 78 -2.80 14.65 -18.02
CA ALA C 78 -3.30 13.32 -17.69
C ALA C 78 -4.40 12.84 -18.61
N PHE C 79 -5.20 13.77 -19.15
CA PHE C 79 -6.23 13.37 -20.12
C PHE C 79 -5.60 12.89 -21.42
N ILE C 80 -4.63 13.64 -21.95
CA ILE C 80 -3.96 13.22 -23.17
C ILE C 80 -3.18 11.94 -22.96
N GLY C 81 -2.60 11.76 -21.78
CA GLY C 81 -1.82 10.58 -21.47
C GLY C 81 -2.62 9.38 -21.07
N LEU C 82 -3.95 9.47 -21.04
CA LEU C 82 -4.81 8.36 -20.67
C LEU C 82 -5.65 7.86 -21.84
N VAL C 83 -6.46 8.72 -22.45
CA VAL C 83 -7.36 8.26 -23.50
C VAL C 83 -6.60 7.97 -24.79
N TRP C 84 -5.61 8.81 -25.13
CA TRP C 84 -4.74 8.48 -26.26
C TRP C 84 -3.59 7.55 -25.88
N GLN C 85 -3.37 7.30 -24.58
CA GLN C 85 -2.35 6.38 -24.10
C GLN C 85 -0.96 6.78 -24.61
N MET C 86 -0.51 7.95 -24.17
CA MET C 86 0.82 8.44 -24.47
C MET C 86 1.69 8.34 -23.23
N LYS C 87 2.84 7.68 -23.37
CA LYS C 87 3.72 7.49 -22.22
C LYS C 87 4.50 8.76 -21.88
N MET C 88 4.91 9.52 -22.91
CA MET C 88 5.70 10.72 -22.66
C MET C 88 4.86 11.82 -22.01
N ALA C 89 3.69 12.10 -22.58
CA ALA C 89 2.83 13.16 -22.05
C ALA C 89 2.41 12.86 -20.62
N ASN C 90 2.21 11.58 -20.30
CA ASN C 90 1.87 11.20 -18.95
C ASN C 90 2.94 11.64 -17.96
N LEU C 91 4.22 11.58 -18.38
CA LEU C 91 5.30 12.05 -17.51
C LEU C 91 5.15 13.50 -17.12
N ALA C 92 4.48 14.31 -17.95
CA ALA C 92 4.24 15.71 -17.59
C ALA C 92 3.52 15.81 -16.27
N VAL C 93 2.61 14.86 -15.98
CA VAL C 93 1.91 14.85 -14.70
C VAL C 93 2.91 14.79 -13.56
N ALA C 94 3.95 13.98 -13.70
CA ALA C 94 4.99 13.87 -12.68
C ALA C 94 6.02 14.99 -12.77
N ALA C 95 6.01 15.78 -13.84
CA ALA C 95 6.98 16.86 -13.99
C ALA C 95 6.52 18.18 -13.40
N MET C 96 5.21 18.43 -13.39
CA MET C 96 4.66 19.68 -12.89
C MET C 96 4.12 19.58 -11.48
N ALA C 97 4.25 18.42 -10.83
CA ALA C 97 3.69 18.26 -9.50
C ALA C 97 4.55 18.92 -8.42
N PRO C 98 5.87 18.71 -8.38
CA PRO C 98 6.67 19.44 -7.37
C PRO C 98 6.59 20.94 -7.53
N ILE C 99 6.54 21.44 -8.76
CA ILE C 99 6.45 22.89 -8.97
C ILE C 99 5.13 23.43 -8.43
N GLY C 100 4.03 22.73 -8.71
CA GLY C 100 2.75 23.15 -8.16
C GLY C 100 2.71 23.09 -6.66
N ALA C 101 3.31 22.05 -6.07
CA ALA C 101 3.37 21.95 -4.62
C ALA C 101 4.16 23.10 -4.02
N VAL C 102 5.28 23.46 -4.65
CA VAL C 102 6.09 24.57 -4.16
C VAL C 102 5.33 25.88 -4.28
N PHE C 103 4.60 26.07 -5.38
CA PHE C 103 3.79 27.28 -5.52
C PHE C 103 2.69 27.34 -4.47
N THR C 104 2.05 26.22 -4.17
CA THR C 104 1.03 26.22 -3.13
C THR C 104 1.63 26.53 -1.76
N PHE C 105 2.79 25.95 -1.46
CA PHE C 105 3.45 26.23 -0.19
C PHE C 105 3.84 27.70 -0.09
N ILE C 106 4.33 28.27 -1.19
CA ILE C 106 4.69 29.69 -1.22
C ILE C 106 3.45 30.54 -1.02
N ALA C 107 2.32 30.14 -1.62
CA ALA C 107 1.08 30.88 -1.44
C ALA C 107 0.64 30.85 0.03
N LEU C 108 0.73 29.69 0.68
CA LEU C 108 0.39 29.63 2.10
C LEU C 108 1.30 30.51 2.93
N VAL C 109 2.61 30.46 2.67
CA VAL C 109 3.55 31.25 3.46
C VAL C 109 3.29 32.74 3.28
N THR C 110 3.11 33.17 2.04
CA THR C 110 2.83 34.57 1.76
C THR C 110 1.49 35.03 2.34
N GLY C 111 0.45 34.21 2.27
CA GLY C 111 -0.81 34.56 2.89
C GLY C 111 -0.69 34.71 4.39
N SER C 112 0.05 33.80 5.02
CA SER C 112 0.26 33.89 6.46
C SER C 112 1.05 35.13 6.83
N ALA C 113 2.08 35.47 6.06
CA ALA C 113 2.85 36.67 6.33
C ALA C 113 2.09 37.95 6.01
N TRP C 114 1.12 37.89 5.10
CA TRP C 114 0.31 39.04 4.74
C TRP C 114 -0.83 39.28 5.71
N GLY C 115 -1.35 38.22 6.33
CA GLY C 115 -2.44 38.37 7.27
C GLY C 115 -2.00 38.67 8.69
N LYS C 116 -0.76 38.32 9.04
CA LYS C 116 -0.26 38.58 10.39
C LYS C 116 -0.35 40.05 10.81
N PRO C 117 -0.03 41.03 9.97
CA PRO C 117 -0.26 42.43 10.41
C PRO C 117 -1.69 42.73 10.79
N MET C 118 -2.67 42.11 10.12
CA MET C 118 -4.08 42.40 10.36
C MET C 118 -4.76 41.39 11.26
N TRP C 119 -4.55 40.09 11.01
CA TRP C 119 -5.22 39.06 11.81
C TRP C 119 -4.78 39.13 13.27
N GLY C 120 -3.48 39.34 13.49
CA GLY C 120 -2.89 39.32 14.82
C GLY C 120 -2.20 38.01 15.14
N THR C 121 -2.58 36.92 14.47
CA THR C 121 -1.93 35.63 14.61
C THR C 121 -1.61 35.08 13.23
N TRP C 122 -0.61 34.19 13.18
CA TRP C 122 -0.11 33.71 11.89
C TRP C 122 -1.17 32.91 11.13
N TRP C 123 -1.94 32.09 11.84
CA TRP C 123 -2.79 31.10 11.20
C TRP C 123 -4.25 31.34 11.56
N VAL C 124 -5.04 31.74 10.57
CA VAL C 124 -6.49 31.71 10.69
C VAL C 124 -7.04 31.01 9.45
N TRP C 125 -8.17 30.34 9.63
CA TRP C 125 -8.74 29.51 8.57
C TRP C 125 -9.66 30.35 7.71
N ASP C 126 -9.22 30.63 6.48
CA ASP C 126 -10.01 31.39 5.51
C ASP C 126 -10.22 30.56 4.26
N ALA C 127 -11.23 30.96 3.47
CA ALA C 127 -11.54 30.22 2.25
C ALA C 127 -10.38 30.26 1.27
N ARG C 128 -9.87 31.46 0.97
CA ARG C 128 -8.77 31.61 0.02
C ARG C 128 -7.48 30.97 0.52
N LEU C 129 -7.41 30.61 1.79
CA LEU C 129 -6.27 29.94 2.40
C LEU C 129 -6.48 28.45 2.61
N THR C 130 -7.65 28.05 3.11
CA THR C 130 -7.91 26.61 3.24
C THR C 130 -8.00 25.94 1.88
N SER C 131 -8.49 26.65 0.87
CA SER C 131 -8.50 26.10 -0.49
C SER C 131 -7.08 25.81 -0.97
N GLU C 132 -6.15 26.73 -0.72
CA GLU C 132 -4.76 26.48 -1.10
C GLU C 132 -4.14 25.39 -0.24
N LEU C 133 -4.58 25.25 1.02
CA LEU C 133 -4.09 24.16 1.86
C LEU C 133 -4.50 22.81 1.30
N VAL C 134 -5.78 22.66 0.93
CA VAL C 134 -6.21 21.39 0.38
C VAL C 134 -5.61 21.17 -1.01
N LEU C 135 -5.33 22.25 -1.74
CA LEU C 135 -4.59 22.13 -2.99
C LEU C 135 -3.20 21.55 -2.75
N LEU C 136 -2.52 22.03 -1.72
CA LEU C 136 -1.23 21.46 -1.33
C LEU C 136 -1.38 20.00 -0.94
N PHE C 137 -2.47 19.66 -0.27
CA PHE C 137 -2.69 18.26 0.11
C PHE C 137 -2.83 17.38 -1.13
N LEU C 138 -3.57 17.85 -2.14
CA LEU C 138 -3.73 17.08 -3.37
C LEU C 138 -2.40 16.94 -4.11
N TYR C 139 -1.62 18.03 -4.17
CA TYR C 139 -0.29 17.95 -4.77
C TYR C 139 0.59 16.94 -4.05
N VAL C 140 0.54 16.95 -2.71
CA VAL C 140 1.32 16.01 -1.92
C VAL C 140 0.87 14.58 -2.20
N GLY C 141 -0.44 14.37 -2.34
CA GLY C 141 -0.93 13.06 -2.71
C GLY C 141 -0.38 12.59 -4.05
N VAL C 142 -0.37 13.48 -5.05
CA VAL C 142 0.17 13.12 -6.35
C VAL C 142 1.65 12.74 -6.23
N ILE C 143 2.42 13.58 -5.54
CA ILE C 143 3.86 13.33 -5.43
C ILE C 143 4.13 12.03 -4.69
N ALA C 144 3.42 11.80 -3.59
CA ALA C 144 3.63 10.57 -2.83
C ALA C 144 3.24 9.34 -3.61
N LEU C 145 2.14 9.41 -4.38
CA LEU C 145 1.76 8.27 -5.21
C LEU C 145 2.81 7.99 -6.27
N TRP C 146 3.37 9.04 -6.89
CA TRP C 146 4.38 8.82 -7.91
C TRP C 146 5.64 8.18 -7.33
N HIS C 147 6.08 8.64 -6.15
CA HIS C 147 7.27 8.08 -5.52
C HIS C 147 6.91 6.90 -4.61
N ALA C 148 6.16 5.96 -5.14
CA ALA C 148 5.84 4.75 -4.40
C ALA C 148 6.01 3.49 -5.24
N PHE C 149 5.67 3.54 -6.52
CA PHE C 149 5.81 2.38 -7.39
C PHE C 149 7.29 2.11 -7.66
N ASP C 150 7.68 0.85 -7.57
CA ASP C 150 9.05 0.47 -7.94
C ASP C 150 9.22 0.46 -9.46
N ASP C 151 8.15 0.14 -10.18
CA ASP C 151 8.20 0.08 -11.64
C ASP C 151 7.57 1.34 -12.23
N ARG C 152 8.27 1.95 -13.19
CA ARG C 152 7.74 3.10 -13.89
C ARG C 152 6.74 2.65 -14.96
N ARG C 153 6.12 3.64 -15.60
CA ARG C 153 5.10 3.46 -16.64
C ARG C 153 3.79 2.98 -16.01
N LEU C 154 3.83 2.69 -14.71
CA LEU C 154 2.66 2.41 -13.90
C LEU C 154 2.39 3.51 -12.89
N ALA C 155 3.45 4.03 -12.25
CA ALA C 155 3.30 5.19 -11.38
C ALA C 155 2.76 6.37 -12.15
N GLY C 156 3.20 6.54 -13.40
CA GLY C 156 2.68 7.64 -14.20
C GLY C 156 1.18 7.53 -14.43
N ARG C 157 0.70 6.33 -14.78
CA ARG C 157 -0.72 6.16 -15.02
C ARG C 157 -1.53 6.29 -13.74
N ALA C 158 -1.00 5.77 -12.63
CA ALA C 158 -1.69 5.95 -11.35
C ALA C 158 -1.78 7.42 -10.98
N ALA C 159 -0.69 8.18 -11.18
CA ALA C 159 -0.71 9.60 -10.92
C ALA C 159 -1.70 10.31 -11.83
N GLY C 160 -1.78 9.89 -13.10
CA GLY C 160 -2.77 10.47 -13.99
C GLY C 160 -4.20 10.24 -13.54
N ILE C 161 -4.49 9.01 -13.09
CA ILE C 161 -5.83 8.71 -12.58
C ILE C 161 -6.14 9.56 -11.36
N LEU C 162 -5.18 9.66 -10.43
CA LEU C 162 -5.42 10.46 -9.23
C LEU C 162 -5.61 11.93 -9.58
N VAL C 163 -4.83 12.43 -10.53
CA VAL C 163 -4.94 13.83 -10.94
C VAL C 163 -6.31 14.09 -11.55
N LEU C 164 -6.79 13.15 -12.38
CA LEU C 164 -8.12 13.31 -12.94
C LEU C 164 -9.19 13.34 -11.85
N ILE C 165 -9.08 12.44 -10.87
CA ILE C 165 -10.05 12.42 -9.77
C ILE C 165 -10.00 13.74 -9.00
N GLY C 166 -8.79 14.23 -8.72
CA GLY C 166 -8.66 15.47 -7.98
C GLY C 166 -9.18 16.67 -8.75
N VAL C 167 -8.99 16.68 -10.06
CA VAL C 167 -9.50 17.78 -10.88
C VAL C 167 -11.03 17.74 -10.92
N VAL C 168 -11.60 16.54 -10.94
CA VAL C 168 -13.06 16.43 -10.83
C VAL C 168 -13.54 16.98 -9.50
N ASN C 169 -12.83 16.66 -8.41
CA ASN C 169 -13.28 17.07 -7.08
C ASN C 169 -12.94 18.52 -6.75
N LEU C 170 -12.04 19.16 -7.51
CA LEU C 170 -11.56 20.49 -7.14
C LEU C 170 -12.66 21.54 -7.08
N PRO C 171 -13.52 21.71 -8.09
CA PRO C 171 -14.57 22.73 -7.95
C PRO C 171 -15.50 22.48 -6.78
N ILE C 172 -15.82 21.22 -6.51
CA ILE C 172 -16.72 20.90 -5.40
C ILE C 172 -16.08 21.30 -4.08
N ILE C 173 -14.81 20.94 -3.89
CA ILE C 173 -14.12 21.28 -2.65
C ILE C 173 -14.00 22.79 -2.49
N HIS C 174 -13.63 23.48 -3.57
CA HIS C 174 -13.43 24.93 -3.47
C HIS C 174 -14.74 25.64 -3.15
N TYR C 175 -15.83 25.26 -3.84
CA TYR C 175 -17.12 25.90 -3.60
C TYR C 175 -17.78 25.42 -2.32
N SER C 176 -17.30 24.33 -1.72
CA SER C 176 -17.77 23.95 -0.40
C SER C 176 -17.04 24.74 0.69
N VAL C 177 -15.74 24.96 0.52
CA VAL C 177 -15.00 25.78 1.47
C VAL C 177 -15.46 27.23 1.39
N GLU C 178 -15.76 27.71 0.19
CA GLU C 178 -16.26 29.08 0.03
C GLU C 178 -17.56 29.30 0.80
N TRP C 179 -18.36 28.25 0.98
CA TRP C 179 -19.59 28.38 1.74
C TRP C 179 -19.38 28.08 3.21
N TRP C 180 -18.46 27.17 3.53
CA TRP C 180 -18.11 26.93 4.93
C TRP C 180 -17.59 28.19 5.58
N ASN C 181 -16.86 29.02 4.82
CA ASN C 181 -16.43 30.31 5.31
C ASN C 181 -17.64 31.20 5.61
N THR C 182 -18.66 31.13 4.76
CA THR C 182 -19.86 31.93 4.97
C THR C 182 -20.63 31.47 6.21
N LEU C 183 -20.58 30.17 6.51
CA LEU C 183 -21.31 29.64 7.66
C LEU C 183 -20.82 30.28 8.96
N HIS C 184 -19.54 30.04 9.30
CA HIS C 184 -19.03 30.46 10.59
C HIS C 184 -18.64 31.93 10.62
N GLN C 185 -17.67 32.31 9.78
CA GLN C 185 -17.20 33.70 9.77
C GLN C 185 -18.28 34.64 9.28
N GLY C 186 -18.88 34.33 8.14
CA GLY C 186 -19.98 35.12 7.61
C GLY C 186 -19.57 36.36 6.84
N SER C 187 -18.28 36.61 6.67
CA SER C 187 -17.83 37.82 6.00
C SER C 187 -16.50 37.54 5.31
N THR C 188 -16.14 38.44 4.39
CA THR C 188 -14.88 38.37 3.66
C THR C 188 -13.93 39.44 4.20
N ARG C 189 -12.63 39.15 4.17
CA ARG C 189 -11.65 40.04 4.77
C ARG C 189 -11.44 41.29 3.92
N MET C 190 -10.96 41.11 2.70
CA MET C 190 -10.58 42.23 1.84
C MET C 190 -11.52 42.31 0.63
N GLN C 191 -11.83 43.54 0.23
CA GLN C 191 -12.68 43.77 -0.93
C GLN C 191 -11.88 43.64 -2.22
N GLN C 192 -12.57 43.24 -3.29
CA GLN C 192 -11.91 43.03 -4.57
C GLN C 192 -11.58 44.36 -5.25
N SER C 193 -10.39 44.88 -4.98
CA SER C 193 -9.90 46.10 -5.62
C SER C 193 -8.39 46.02 -5.73
N ILE C 194 -7.85 46.52 -6.85
CA ILE C 194 -6.44 46.36 -7.14
C ILE C 194 -5.79 47.71 -7.42
N ASP C 195 -6.63 48.71 -7.76
CA ASP C 195 -6.22 50.07 -8.13
C ASP C 195 -5.63 50.04 -9.54
N PRO C 196 -5.78 51.10 -10.33
CA PRO C 196 -5.27 51.02 -11.72
C PRO C 196 -3.77 50.93 -11.82
N ALA C 197 -3.01 51.79 -11.15
CA ALA C 197 -1.56 51.73 -11.26
C ALA C 197 -0.97 50.77 -10.22
N MET C 198 -1.59 49.59 -10.12
CA MET C 198 -1.01 48.45 -9.41
C MET C 198 -1.31 47.14 -10.11
N ARG C 199 -1.98 47.17 -11.26
CA ARG C 199 -2.38 45.97 -11.98
C ARG C 199 -1.34 45.58 -13.03
N SER C 200 -0.84 46.57 -13.78
CA SER C 200 0.23 46.30 -14.73
C SER C 200 1.48 45.74 -14.05
N PRO C 201 1.98 46.31 -12.94
CA PRO C 201 3.09 45.66 -12.23
C PRO C 201 2.75 44.28 -11.70
N LEU C 202 1.47 43.99 -11.49
CA LEU C 202 1.06 42.65 -11.06
C LEU C 202 0.84 41.72 -12.24
N ARG C 203 0.35 42.25 -13.36
CA ARG C 203 0.25 41.44 -14.57
C ARG C 203 1.63 41.01 -15.04
N TRP C 204 2.61 41.92 -14.96
CA TRP C 204 3.99 41.56 -15.30
C TRP C 204 4.49 40.41 -14.43
N SER C 205 4.22 40.47 -13.12
CA SER C 205 4.68 39.42 -12.22
C SER C 205 3.96 38.11 -12.48
N ILE C 206 2.67 38.15 -12.80
CA ILE C 206 1.94 36.94 -13.13
C ILE C 206 2.53 36.29 -14.38
N PHE C 207 2.78 37.10 -15.41
CA PHE C 207 3.36 36.57 -16.64
C PHE C 207 4.77 36.04 -16.40
N GLY C 208 5.53 36.67 -15.52
CA GLY C 208 6.84 36.16 -15.18
C GLY C 208 6.80 34.83 -14.46
N PHE C 209 5.87 34.70 -13.50
CA PHE C 209 5.70 33.42 -12.81
C PHE C 209 5.22 32.34 -13.76
N LEU C 210 4.48 32.71 -14.80
CA LEU C 210 4.11 31.75 -15.83
C LEU C 210 5.34 31.20 -16.54
N LEU C 211 6.30 32.07 -16.85
CA LEU C 211 7.52 31.66 -17.54
C LEU C 211 8.45 30.85 -16.66
N LEU C 212 8.58 31.20 -15.38
CA LEU C 212 9.45 30.44 -14.49
C LEU C 212 8.96 29.00 -14.32
N SER C 213 7.65 28.82 -14.21
CA SER C 213 7.08 27.47 -14.12
C SER C 213 7.32 26.67 -15.40
N ALA C 214 7.22 27.29 -16.57
CA ALA C 214 7.50 26.57 -17.81
C ALA C 214 8.95 26.11 -17.87
N THR C 215 9.89 27.00 -17.50
CA THR C 215 11.29 26.60 -17.49
C THR C 215 11.55 25.49 -16.48
N LEU C 216 10.94 25.60 -15.29
CA LEU C 216 11.15 24.57 -14.28
C LEU C 216 10.59 23.22 -14.73
N THR C 217 9.42 23.23 -15.36
CA THR C 217 8.84 21.96 -15.80
C THR C 217 9.60 21.38 -16.99
N LEU C 218 10.16 22.22 -17.85
CA LEU C 218 11.03 21.70 -18.91
C LEU C 218 12.29 21.07 -18.32
N MET C 219 12.90 21.73 -17.33
CA MET C 219 14.08 21.17 -16.69
C MET C 219 13.77 19.86 -16.00
N ARG C 220 12.63 19.78 -15.32
CA ARG C 220 12.24 18.53 -14.66
C ARG C 220 11.85 17.45 -15.66
N MET C 221 11.34 17.83 -16.83
CA MET C 221 11.01 16.85 -17.86
C MET C 221 12.27 16.27 -18.48
N ARG C 222 13.29 17.10 -18.69
CA ARG C 222 14.57 16.57 -19.16
C ARG C 222 15.21 15.61 -18.16
N ASN C 223 14.96 15.80 -16.87
CA ASN C 223 15.47 14.88 -15.86
C ASN C 223 14.66 13.59 -15.77
N LEU C 224 13.37 13.63 -16.11
CA LEU C 224 12.52 12.45 -16.03
C LEU C 224 12.61 11.57 -17.28
N ILE C 225 12.92 12.16 -18.44
CA ILE C 225 13.14 11.34 -19.63
C ILE C 225 14.36 10.45 -19.44
N LEU C 226 15.45 11.02 -18.91
CA LEU C 226 16.65 10.24 -18.64
C LEU C 226 16.47 9.29 -17.47
N LEU C 227 15.44 9.47 -16.64
CA LEU C 227 15.18 8.59 -15.52
C LEU C 227 14.39 7.36 -15.91
N MET C 228 13.89 7.29 -17.15
CA MET C 228 13.24 6.10 -17.65
C MET C 228 13.93 5.49 -18.86
N GLU C 229 14.73 6.26 -19.59
CA GLU C 229 15.41 5.79 -20.80
C GLU C 229 16.92 5.75 -20.57
N LYS C 230 17.31 5.31 -19.38
CA LYS C 230 18.73 5.20 -19.04
C LYS C 230 19.33 3.85 -19.43
N ARG C 231 18.52 2.92 -19.92
CA ARG C 231 18.99 1.60 -20.32
C ARG C 231 18.80 1.39 -21.82
N ARG C 232 19.06 2.42 -22.60
CA ARG C 232 19.01 2.35 -24.05
C ARG C 232 20.26 2.98 -24.65
N PRO C 233 20.68 2.55 -25.83
CA PRO C 233 21.92 3.11 -26.42
C PRO C 233 21.81 4.59 -26.76
N TRP C 234 20.60 5.15 -26.78
CA TRP C 234 20.43 6.57 -27.07
C TRP C 234 21.21 7.45 -26.11
N VAL C 235 21.41 7.00 -24.87
CA VAL C 235 22.11 7.78 -23.87
C VAL C 235 23.61 7.46 -23.87
N SER C 236 24.11 6.83 -24.94
CA SER C 236 25.55 6.60 -25.05
C SER C 236 26.32 7.91 -25.05
N GLU C 237 25.71 8.99 -25.51
CA GLU C 237 26.35 10.30 -25.50
C GLU C 237 26.50 10.83 -24.07
N MET D 1 13.97 57.11 -12.57
CA MET D 1 14.22 58.55 -12.45
C MET D 1 13.60 59.11 -11.18
N THR D 2 12.45 58.54 -10.79
CA THR D 2 11.72 58.99 -9.62
C THR D 2 10.92 57.83 -9.03
N PRO D 3 11.27 57.36 -7.84
CA PRO D 3 10.59 56.20 -7.26
C PRO D 3 9.37 56.57 -6.44
N ALA D 4 8.67 55.55 -5.94
CA ALA D 4 7.65 55.74 -4.91
C ALA D 4 8.23 55.68 -3.51
N PHE D 5 9.52 55.38 -3.38
CA PHE D 5 10.23 55.44 -2.12
C PHE D 5 11.01 56.74 -2.05
N ALA D 6 11.81 56.91 -0.99
CA ALA D 6 12.49 58.18 -0.77
C ALA D 6 14.00 58.05 -0.73
N SER D 7 14.54 57.09 0.02
CA SER D 7 15.96 57.11 0.36
C SER D 7 16.45 55.67 0.53
N TRP D 8 17.58 55.53 1.21
CA TRP D 8 18.29 54.26 1.37
C TRP D 8 17.56 53.34 2.35
N ASN D 9 18.26 52.30 2.80
CA ASN D 9 17.63 51.23 3.58
C ASN D 9 17.07 51.70 4.91
N GLU D 10 17.25 52.97 5.29
CA GLU D 10 16.49 53.52 6.39
C GLU D 10 15.05 53.82 5.97
N PHE D 11 14.86 54.19 4.70
CA PHE D 11 13.54 54.38 4.12
C PHE D 11 13.05 53.16 3.35
N PHE D 12 13.81 52.70 2.36
CA PHE D 12 13.54 51.41 1.75
C PHE D 12 13.84 50.30 2.75
N ALA D 13 13.34 49.10 2.45
CA ALA D 13 13.49 47.92 3.30
C ALA D 13 12.87 48.10 4.68
N MET D 14 12.16 49.20 4.91
CA MET D 14 11.47 49.42 6.17
C MET D 14 10.22 50.24 5.86
N GLY D 15 9.10 49.56 5.64
CA GLY D 15 7.81 50.21 5.47
C GLY D 15 6.94 50.19 6.70
N GLY D 16 7.49 49.90 7.88
CA GLY D 16 6.70 49.67 9.06
C GLY D 16 6.36 48.22 9.31
N TYR D 17 6.35 47.40 8.27
CA TYR D 17 6.10 45.97 8.39
C TYR D 17 7.25 45.21 7.75
N ALA D 18 8.48 45.64 8.03
CA ALA D 18 9.64 45.13 7.31
C ALA D 18 9.81 43.63 7.51
N PHE D 19 9.59 43.14 8.73
CA PHE D 19 9.81 41.73 9.02
C PHE D 19 8.92 40.85 8.15
N PHE D 20 7.64 41.19 8.04
CA PHE D 20 6.72 40.35 7.28
C PHE D 20 7.05 40.35 5.79
N VAL D 21 7.31 41.53 5.23
CA VAL D 21 7.61 41.63 3.81
C VAL D 21 8.90 40.89 3.47
N TRP D 22 9.94 41.09 4.28
CA TRP D 22 11.22 40.46 4.01
C TRP D 22 11.27 39.01 4.47
N LEU D 23 10.24 38.53 5.17
CA LEU D 23 10.12 37.10 5.42
C LEU D 23 9.37 36.41 4.27
N ALA D 24 8.36 37.08 3.73
CA ALA D 24 7.71 36.57 2.53
C ALA D 24 8.69 36.52 1.36
N VAL D 25 9.51 37.56 1.22
CA VAL D 25 10.52 37.57 0.16
C VAL D 25 11.49 36.41 0.33
N VAL D 26 11.95 36.18 1.57
CA VAL D 26 12.91 35.12 1.83
C VAL D 26 12.31 33.75 1.54
N MET D 27 11.10 33.50 2.03
CA MET D 27 10.48 32.20 1.80
C MET D 27 9.80 32.07 0.45
N THR D 28 9.86 33.10 -0.40
CA THR D 28 9.59 32.92 -1.81
C THR D 28 10.85 32.63 -2.61
N VAL D 29 11.95 33.31 -2.28
CA VAL D 29 13.19 33.12 -3.03
C VAL D 29 13.80 31.76 -2.73
N ILE D 30 13.85 31.37 -1.45
CA ILE D 30 14.56 30.15 -1.07
C ILE D 30 13.98 28.89 -1.71
N PRO D 31 12.67 28.62 -1.64
CA PRO D 31 12.16 27.41 -2.32
C PRO D 31 12.38 27.41 -3.82
N LEU D 32 12.29 28.57 -4.47
CA LEU D 32 12.52 28.62 -5.91
C LEU D 32 13.97 28.30 -6.25
N VAL D 33 14.92 28.86 -5.50
CA VAL D 33 16.32 28.54 -5.71
C VAL D 33 16.59 27.08 -5.40
N VAL D 34 15.91 26.55 -4.38
CA VAL D 34 16.05 25.14 -4.05
C VAL D 34 15.60 24.28 -5.23
N LEU D 35 14.46 24.62 -5.83
CA LEU D 35 13.98 23.88 -7.00
C LEU D 35 14.97 23.96 -8.15
N VAL D 36 15.49 25.15 -8.44
CA VAL D 36 16.40 25.31 -9.56
C VAL D 36 17.66 24.50 -9.35
N VAL D 37 18.27 24.63 -8.16
CA VAL D 37 19.49 23.89 -7.87
C VAL D 37 19.23 22.39 -7.87
N HIS D 38 18.07 21.97 -7.35
CA HIS D 38 17.73 20.56 -7.32
C HIS D 38 17.64 19.98 -8.73
N SER D 39 16.98 20.73 -9.63
CA SER D 39 16.86 20.29 -11.02
C SER D 39 18.23 20.20 -11.68
N VAL D 40 19.09 21.21 -11.46
CA VAL D 40 20.41 21.20 -12.07
C VAL D 40 21.24 20.03 -11.53
N MET D 41 21.20 19.81 -10.22
CA MET D 41 22.00 18.75 -9.63
C MET D 41 21.53 17.37 -10.09
N GLN D 42 20.21 17.17 -10.25
CA GLN D 42 19.79 15.91 -10.84
C GLN D 42 20.19 15.80 -12.31
N HIS D 43 20.11 16.90 -13.07
CA HIS D 43 20.48 16.84 -14.48
C HIS D 43 21.95 16.48 -14.65
N ARG D 44 22.78 16.79 -13.66
CA ARG D 44 24.18 16.37 -13.70
C ARG D 44 24.40 14.99 -13.09
N ALA D 45 23.66 14.65 -12.03
CA ALA D 45 23.82 13.37 -11.36
C ALA D 45 23.33 12.22 -12.22
N ILE D 46 22.38 12.46 -13.12
CA ILE D 46 21.97 11.40 -14.04
C ILE D 46 23.13 11.01 -14.94
N LEU D 47 23.85 12.01 -15.47
CA LEU D 47 25.03 11.71 -16.28
C LEU D 47 26.14 11.05 -15.46
N ARG D 48 26.31 11.49 -14.20
CA ARG D 48 27.29 10.82 -13.35
C ARG D 48 26.93 9.36 -13.13
N GLY D 49 25.65 9.07 -12.89
CA GLY D 49 25.22 7.69 -12.73
C GLY D 49 25.37 6.88 -14.00
N VAL D 50 25.11 7.50 -15.15
CA VAL D 50 25.33 6.82 -16.43
C VAL D 50 26.79 6.47 -16.60
N ALA D 51 27.69 7.40 -16.26
CA ALA D 51 29.12 7.11 -16.32
C ALA D 51 29.49 5.99 -15.37
N GLN D 52 28.85 5.96 -14.19
CA GLN D 52 29.06 4.84 -13.27
C GLN D 52 28.61 3.52 -13.89
N GLN D 53 27.47 3.53 -14.60
CA GLN D 53 26.97 2.30 -15.21
C GLN D 53 27.85 1.86 -16.37
N ARG D 54 28.51 2.80 -17.05
CA ARG D 54 29.36 2.47 -18.20
C ARG D 54 30.67 1.84 -17.73
N ALA D 55 30.56 0.61 -17.21
CA ALA D 55 31.70 -0.13 -16.71
C ALA D 55 31.51 -1.62 -16.90
N MET E 1 -9.23 -18.28 -40.63
CA MET E 1 -10.43 -18.24 -39.80
C MET E 1 -10.13 -18.72 -38.39
N GLY E 2 -8.89 -18.52 -37.96
CA GLY E 2 -8.47 -19.08 -36.70
C GLY E 2 -9.04 -18.35 -35.49
N MET E 3 -9.00 -19.05 -34.37
CA MET E 3 -9.37 -18.52 -33.06
C MET E 3 -8.23 -17.68 -32.50
N LEU E 4 -8.26 -17.42 -31.19
CA LEU E 4 -7.38 -16.46 -30.53
C LEU E 4 -5.98 -16.47 -31.10
N GLU E 5 -5.53 -15.31 -31.53
CA GLU E 5 -4.30 -15.13 -32.31
C GLU E 5 -3.43 -14.07 -31.66
N ALA E 6 -2.33 -13.75 -32.32
CA ALA E 6 -1.45 -12.66 -31.91
C ALA E 6 -1.07 -11.86 -33.15
N ARG E 7 -0.80 -10.57 -32.96
CA ARG E 7 -0.42 -9.68 -34.05
C ARG E 7 0.84 -8.93 -33.63
N GLU E 8 1.99 -9.55 -33.85
CA GLU E 8 3.30 -8.95 -33.60
C GLU E 8 3.40 -8.42 -32.17
N LEU E 9 3.13 -9.29 -31.23
CA LEU E 9 3.25 -8.93 -29.82
C LEU E 9 4.69 -8.64 -29.45
N LEU E 10 4.87 -7.68 -28.55
CA LEU E 10 6.18 -7.30 -28.04
C LEU E 10 5.99 -6.70 -26.66
N CYS E 11 6.87 -7.07 -25.73
CA CYS E 11 6.79 -6.55 -24.37
C CYS E 11 8.19 -6.16 -23.91
N GLU E 12 8.25 -5.13 -23.08
CA GLU E 12 9.50 -4.62 -22.56
C GLU E 12 9.40 -4.44 -21.05
N ARG E 13 10.42 -4.94 -20.34
CA ARG E 13 10.51 -4.79 -18.89
C ARG E 13 11.45 -3.66 -18.50
N ASP E 14 11.89 -2.85 -19.47
CA ASP E 14 12.80 -1.71 -19.37
C ASP E 14 14.27 -2.12 -19.32
N GLU E 15 14.60 -3.41 -19.36
CA GLU E 15 16.01 -3.79 -19.49
C GLU E 15 16.22 -4.79 -20.61
N ARG E 16 15.21 -5.61 -20.92
CA ARG E 16 15.34 -6.61 -21.96
C ARG E 16 14.05 -6.72 -22.76
N THR E 17 14.19 -7.09 -24.03
CA THR E 17 13.04 -7.44 -24.87
C THR E 17 12.77 -8.92 -24.67
N LEU E 18 11.78 -9.23 -23.83
CA LEU E 18 11.49 -10.63 -23.52
C LEU E 18 11.08 -11.40 -24.77
N PHE E 19 10.22 -10.80 -25.59
CA PHE E 19 9.80 -11.40 -26.85
C PHE E 19 9.44 -10.27 -27.81
N SER E 20 9.88 -10.40 -29.06
CA SER E 20 9.66 -9.37 -30.06
C SER E 20 9.02 -9.99 -31.30
N GLY E 21 7.93 -9.38 -31.75
CA GLY E 21 7.27 -9.84 -32.96
C GLY E 21 6.70 -11.24 -32.86
N LEU E 22 6.04 -11.55 -31.75
CA LEU E 22 5.39 -12.85 -31.61
C LEU E 22 4.11 -12.87 -32.45
N SER E 23 3.96 -13.90 -33.27
CA SER E 23 2.81 -14.02 -34.17
C SER E 23 2.49 -15.51 -34.33
N PHE E 24 1.54 -15.99 -33.54
CA PHE E 24 1.14 -17.39 -33.54
C PHE E 24 -0.37 -17.50 -33.46
N THR E 25 -0.93 -18.43 -34.22
CA THR E 25 -2.37 -18.64 -34.30
C THR E 25 -2.73 -19.99 -33.69
N LEU E 26 -3.85 -20.04 -32.96
CA LEU E 26 -4.31 -21.24 -32.30
C LEU E 26 -5.69 -21.60 -32.83
N ASN E 27 -5.75 -22.63 -33.67
CA ASN E 27 -7.02 -23.16 -34.11
C ASN E 27 -7.59 -24.07 -33.02
N ALA E 28 -8.68 -24.77 -33.32
CA ALA E 28 -9.37 -25.56 -32.32
C ALA E 28 -8.70 -26.93 -32.17
N GLY E 29 -8.38 -27.29 -30.93
CA GLY E 29 -7.79 -28.58 -30.64
C GLY E 29 -6.28 -28.56 -30.56
N GLU E 30 -5.73 -27.52 -29.94
CA GLU E 30 -4.29 -27.33 -29.87
C GLU E 30 -3.81 -27.44 -28.43
N TRP E 31 -2.78 -28.26 -28.22
CA TRP E 31 -2.09 -28.33 -26.94
C TRP E 31 -0.79 -27.54 -27.08
N VAL E 32 -0.69 -26.43 -26.34
CA VAL E 32 0.41 -25.48 -26.50
C VAL E 32 1.14 -25.34 -25.18
N GLN E 33 2.47 -25.50 -25.22
CA GLN E 33 3.32 -25.29 -24.06
C GLN E 33 4.24 -24.11 -24.35
N ILE E 34 4.30 -23.17 -23.42
CA ILE E 34 5.15 -22.00 -23.57
C ILE E 34 6.55 -22.37 -23.10
N THR E 35 7.39 -22.83 -24.03
CA THR E 35 8.73 -23.27 -23.69
C THR E 35 9.63 -22.08 -23.42
N GLY E 36 10.52 -22.22 -22.44
CA GLY E 36 11.45 -21.16 -22.11
C GLY E 36 12.14 -21.46 -20.80
N SER E 37 13.06 -20.56 -20.46
CA SER E 37 13.81 -20.66 -19.22
C SER E 37 13.02 -20.00 -18.09
N ASN E 38 13.66 -19.80 -16.95
CA ASN E 38 13.01 -19.21 -15.78
C ASN E 38 13.02 -17.70 -15.80
N GLY E 39 13.61 -17.09 -16.82
CA GLY E 39 13.67 -15.64 -16.90
C GLY E 39 12.80 -15.07 -17.99
N ALA E 40 12.36 -15.92 -18.91
CA ALA E 40 11.52 -15.48 -20.02
C ALA E 40 10.17 -15.01 -19.50
N GLY E 41 9.55 -14.09 -20.25
CA GLY E 41 8.27 -13.55 -19.86
C GLY E 41 7.09 -14.42 -20.21
N LYS E 42 7.14 -15.69 -19.80
CA LYS E 42 6.02 -16.60 -20.05
C LYS E 42 4.78 -16.15 -19.30
N THR E 43 4.94 -15.76 -18.03
CA THR E 43 3.81 -15.24 -17.27
C THR E 43 3.28 -13.95 -17.88
N THR E 44 4.18 -13.07 -18.32
CA THR E 44 3.75 -11.83 -18.96
C THR E 44 3.03 -12.12 -20.27
N LEU E 45 3.51 -13.08 -21.05
CA LEU E 45 2.83 -13.45 -22.29
C LEU E 45 1.44 -14.00 -22.00
N LEU E 46 1.33 -14.84 -20.97
CA LEU E 46 0.01 -15.38 -20.63
C LEU E 46 -0.95 -14.29 -20.18
N ARG E 47 -0.46 -13.33 -19.39
CA ARG E 47 -1.31 -12.23 -18.95
C ARG E 47 -1.70 -11.34 -20.13
N LEU E 48 -0.80 -11.18 -21.11
CA LEU E 48 -1.17 -10.49 -22.33
C LEU E 48 -2.27 -11.23 -23.08
N LEU E 49 -2.17 -12.57 -23.14
CA LEU E 49 -3.18 -13.36 -23.83
C LEU E 49 -4.53 -13.31 -23.14
N THR E 50 -4.53 -13.29 -21.80
CA THR E 50 -5.80 -13.25 -21.06
C THR E 50 -6.48 -11.89 -21.14
N GLY E 51 -5.74 -10.83 -21.46
CA GLY E 51 -6.29 -9.49 -21.52
C GLY E 51 -6.05 -8.65 -20.28
N LEU E 52 -5.49 -9.25 -19.22
CA LEU E 52 -5.22 -8.49 -18.00
C LEU E 52 -4.20 -7.38 -18.26
N SER E 53 -3.16 -7.68 -19.04
CA SER E 53 -2.12 -6.72 -19.35
C SER E 53 -2.26 -6.23 -20.79
N ARG E 54 -1.80 -5.00 -21.03
CA ARG E 54 -1.89 -4.39 -22.35
C ARG E 54 -0.55 -4.48 -23.04
N PRO E 55 -0.47 -5.02 -24.25
CA PRO E 55 0.83 -5.13 -24.92
C PRO E 55 1.42 -3.76 -25.23
N ASP E 56 2.75 -3.69 -25.20
CA ASP E 56 3.43 -2.45 -25.57
C ASP E 56 3.42 -2.21 -27.06
N ALA E 57 3.32 -3.26 -27.87
CA ALA E 57 3.24 -3.14 -29.31
C ALA E 57 2.46 -4.32 -29.85
N GLY E 58 1.63 -4.06 -30.86
CA GLY E 58 0.79 -5.09 -31.42
C GLY E 58 -0.41 -5.41 -30.53
N GLU E 59 -1.32 -6.22 -31.07
CA GLU E 59 -2.54 -6.57 -30.39
C GLU E 59 -2.73 -8.08 -30.42
N VAL E 60 -3.75 -8.54 -29.69
CA VAL E 60 -4.15 -9.94 -29.66
C VAL E 60 -5.55 -10.03 -30.28
N LEU E 61 -5.71 -10.93 -31.23
CA LEU E 61 -6.93 -11.03 -32.01
C LEU E 61 -7.67 -12.31 -31.64
N TRP E 62 -8.80 -12.18 -30.96
CA TRP E 62 -9.66 -13.32 -30.62
C TRP E 62 -10.81 -13.38 -31.61
N GLN E 63 -10.87 -14.47 -32.38
CA GLN E 63 -11.99 -14.77 -33.25
C GLN E 63 -12.18 -13.72 -34.35
N GLY E 64 -11.28 -12.75 -34.43
CA GLY E 64 -11.38 -11.72 -35.44
C GLY E 64 -11.41 -10.31 -34.85
N GLN E 65 -11.70 -10.21 -33.56
CA GLN E 65 -11.80 -8.92 -32.89
C GLN E 65 -10.78 -8.85 -31.76
N PRO E 66 -10.29 -7.65 -31.44
CA PRO E 66 -9.35 -7.52 -30.30
C PRO E 66 -10.02 -7.85 -28.97
N LEU E 67 -9.24 -7.84 -27.89
CA LEU E 67 -9.75 -8.20 -26.57
C LEU E 67 -10.34 -7.01 -25.82
N HIS E 68 -10.40 -5.84 -26.43
CA HIS E 68 -11.12 -4.71 -25.84
C HIS E 68 -12.50 -4.51 -26.46
N GLN E 69 -12.75 -5.04 -27.65
CA GLN E 69 -14.11 -5.01 -28.20
C GLN E 69 -14.95 -6.15 -27.65
N VAL E 70 -14.53 -7.39 -27.89
CA VAL E 70 -15.22 -8.57 -27.35
C VAL E 70 -14.51 -8.94 -26.05
N ARG E 71 -14.95 -8.31 -24.96
CA ARG E 71 -14.46 -8.62 -23.62
C ARG E 71 -15.53 -9.29 -22.76
N ASP E 72 -16.71 -9.52 -23.32
CA ASP E 72 -17.77 -10.26 -22.65
C ASP E 72 -18.09 -11.60 -23.29
N SER E 73 -17.94 -11.72 -24.61
CA SER E 73 -18.04 -12.99 -25.29
C SER E 73 -16.75 -13.78 -25.26
N TYR E 74 -15.69 -13.21 -24.70
CA TYR E 74 -14.41 -13.88 -24.54
C TYR E 74 -14.20 -14.41 -23.12
N HIS E 75 -14.64 -13.66 -22.10
CA HIS E 75 -14.52 -14.13 -20.73
C HIS E 75 -15.37 -15.36 -20.46
N GLN E 76 -16.44 -15.56 -21.24
CA GLN E 76 -17.22 -16.79 -21.11
C GLN E 76 -16.38 -18.01 -21.47
N ASN E 77 -15.61 -17.91 -22.55
CA ASN E 77 -14.73 -19.00 -22.98
C ASN E 77 -13.31 -18.68 -22.50
N LEU E 78 -13.08 -18.89 -21.21
CA LEU E 78 -11.80 -18.56 -20.62
C LEU E 78 -11.64 -19.30 -19.30
N LEU E 79 -10.41 -19.72 -19.01
CA LEU E 79 -10.08 -20.32 -17.72
C LEU E 79 -8.58 -20.09 -17.49
N TRP E 80 -8.27 -19.14 -16.63
CA TRP E 80 -6.88 -18.79 -16.32
C TRP E 80 -6.62 -19.10 -14.85
N ILE E 81 -5.59 -19.92 -14.60
CA ILE E 81 -5.18 -20.30 -13.25
C ILE E 81 -3.70 -19.96 -13.15
N GLY E 82 -3.38 -18.83 -12.55
CA GLY E 82 -2.03 -18.33 -12.49
C GLY E 82 -1.21 -18.95 -11.38
N HIS E 83 -0.07 -18.32 -11.09
CA HIS E 83 0.77 -18.78 -9.99
C HIS E 83 0.03 -18.71 -8.67
N GLN E 84 -0.69 -17.61 -8.44
CA GLN E 84 -1.60 -17.53 -7.31
C GLN E 84 -2.90 -18.25 -7.66
N PRO E 85 -3.34 -19.22 -6.84
CA PRO E 85 -4.52 -20.01 -7.22
C PRO E 85 -5.77 -19.19 -7.48
N GLY E 86 -5.96 -18.12 -6.72
CA GLY E 86 -7.14 -17.30 -6.86
C GLY E 86 -8.32 -17.71 -6.01
N ILE E 87 -8.07 -18.27 -4.82
CA ILE E 87 -9.12 -18.73 -3.93
C ILE E 87 -8.97 -18.02 -2.59
N LYS E 88 -10.09 -17.52 -2.07
CA LYS E 88 -10.07 -16.89 -0.75
C LYS E 88 -9.77 -17.94 0.31
N THR E 89 -8.62 -17.81 0.96
CA THR E 89 -8.19 -18.83 1.92
C THR E 89 -8.79 -18.58 3.30
N ARG E 90 -10.11 -18.38 3.35
CA ARG E 90 -10.81 -18.31 4.62
C ARG E 90 -12.07 -19.17 4.56
N LEU E 91 -12.65 -19.28 3.38
CA LEU E 91 -13.83 -20.11 3.17
C LEU E 91 -13.43 -21.58 3.10
N THR E 92 -14.42 -22.46 3.18
CA THR E 92 -14.18 -23.88 3.04
C THR E 92 -13.76 -24.19 1.61
N ALA E 93 -13.36 -25.44 1.38
CA ALA E 93 -12.96 -25.85 0.04
C ALA E 93 -14.13 -25.83 -0.93
N LEU E 94 -15.32 -26.21 -0.48
CA LEU E 94 -16.48 -26.25 -1.36
C LEU E 94 -17.05 -24.86 -1.63
N GLU E 95 -16.97 -23.95 -0.65
CA GLU E 95 -17.51 -22.61 -0.85
C GLU E 95 -16.77 -21.83 -1.93
N ASN E 96 -15.51 -22.17 -2.19
CA ASN E 96 -14.79 -21.53 -3.30
C ASN E 96 -15.26 -22.04 -4.65
N LEU E 97 -15.47 -23.34 -4.79
CA LEU E 97 -15.98 -23.92 -6.02
C LEU E 97 -17.45 -23.62 -6.25
N HIS E 98 -18.18 -23.19 -5.21
CA HIS E 98 -19.56 -22.77 -5.37
C HIS E 98 -19.67 -21.40 -6.03
N PHE E 99 -18.64 -20.57 -5.90
CA PHE E 99 -18.65 -19.26 -6.52
C PHE E 99 -18.39 -19.33 -8.03
N TYR E 100 -17.61 -20.30 -8.48
CA TYR E 100 -17.19 -20.37 -9.88
C TYR E 100 -18.11 -21.23 -10.74
N HIS E 101 -19.21 -21.73 -10.19
CA HIS E 101 -20.15 -22.57 -10.94
C HIS E 101 -21.46 -21.84 -11.11
N ARG E 102 -22.03 -21.91 -12.33
CA ARG E 102 -23.23 -21.15 -12.63
C ARG E 102 -24.47 -21.80 -12.01
N ASP E 103 -24.77 -23.04 -12.38
CA ASP E 103 -25.94 -23.72 -11.87
C ASP E 103 -25.66 -25.22 -11.84
N GLY E 104 -26.60 -25.97 -11.29
CA GLY E 104 -26.37 -27.38 -11.03
C GLY E 104 -25.25 -27.56 -10.04
N ASP E 105 -25.23 -26.72 -9.01
CA ASP E 105 -24.18 -26.67 -8.02
C ASP E 105 -24.56 -27.46 -6.77
N THR E 106 -23.59 -27.63 -5.89
CA THR E 106 -23.67 -28.44 -4.67
C THR E 106 -23.93 -29.91 -4.95
N ALA E 107 -24.00 -30.29 -6.23
CA ALA E 107 -24.06 -31.70 -6.63
C ALA E 107 -22.95 -32.10 -7.59
N GLN E 108 -22.35 -31.14 -8.28
CA GLN E 108 -21.17 -31.39 -9.10
C GLN E 108 -19.91 -30.78 -8.54
N CYS E 109 -20.03 -29.74 -7.70
CA CYS E 109 -18.85 -29.17 -7.05
C CYS E 109 -18.19 -30.19 -6.13
N LEU E 110 -19.00 -30.93 -5.36
CA LEU E 110 -18.43 -32.01 -4.55
C LEU E 110 -17.91 -33.13 -5.44
N GLU E 111 -18.57 -33.39 -6.57
CA GLU E 111 -18.05 -34.36 -7.53
C GLU E 111 -16.72 -33.89 -8.11
N ALA E 112 -16.62 -32.61 -8.44
CA ALA E 112 -15.36 -32.07 -8.94
C ALA E 112 -14.26 -32.19 -7.90
N LEU E 113 -14.58 -31.90 -6.63
CA LEU E 113 -13.59 -32.06 -5.57
C LEU E 113 -13.16 -33.51 -5.42
N ALA E 114 -14.12 -34.44 -5.51
CA ALA E 114 -13.77 -35.86 -5.42
C ALA E 114 -12.87 -36.30 -6.57
N GLN E 115 -13.16 -35.82 -7.79
CA GLN E 115 -12.32 -36.16 -8.93
C GLN E 115 -10.97 -35.45 -8.91
N ALA E 116 -10.86 -34.34 -8.18
CA ALA E 116 -9.58 -33.64 -8.06
C ALA E 116 -8.64 -34.32 -7.07
N GLY E 117 -9.19 -34.99 -6.06
CA GLY E 117 -8.36 -35.66 -5.08
C GLY E 117 -8.66 -35.23 -3.65
N LEU E 118 -9.51 -34.23 -3.49
CA LEU E 118 -9.88 -33.72 -2.17
C LEU E 118 -11.14 -34.41 -1.65
N ALA E 119 -11.01 -35.71 -1.43
CA ALA E 119 -12.08 -36.51 -0.85
C ALA E 119 -11.95 -36.50 0.68
N GLY E 120 -12.92 -35.90 1.36
CA GLY E 120 -12.91 -35.79 2.80
C GLY E 120 -12.47 -34.43 3.32
N PHE E 121 -11.79 -33.63 2.50
CA PHE E 121 -11.36 -32.30 2.88
C PHE E 121 -12.26 -31.22 2.29
N GLU E 122 -13.55 -31.51 2.16
CA GLU E 122 -14.47 -30.56 1.54
C GLU E 122 -14.84 -29.43 2.49
N ASP E 123 -15.39 -29.75 3.65
CA ASP E 123 -15.84 -28.74 4.61
C ASP E 123 -14.73 -28.39 5.59
N ILE E 124 -13.55 -28.08 5.06
CA ILE E 124 -12.41 -27.64 5.85
C ILE E 124 -11.97 -26.28 5.31
N PRO E 125 -11.65 -25.31 6.16
CA PRO E 125 -11.16 -24.02 5.65
C PRO E 125 -9.89 -24.20 4.83
N VAL E 126 -9.76 -23.38 3.79
CA VAL E 126 -8.63 -23.52 2.87
C VAL E 126 -7.31 -23.28 3.58
N ASN E 127 -7.28 -22.29 4.48
CA ASN E 127 -6.05 -22.01 5.23
C ASN E 127 -5.60 -23.19 6.08
N GLN E 128 -6.52 -24.06 6.48
CA GLN E 128 -6.15 -25.28 7.20
C GLN E 128 -5.67 -26.38 6.29
N LEU E 129 -5.80 -26.23 4.98
CA LEU E 129 -5.32 -27.22 4.03
C LEU E 129 -3.84 -26.98 3.72
N SER E 130 -3.18 -28.05 3.27
CA SER E 130 -1.75 -27.98 2.99
C SER E 130 -1.48 -27.07 1.79
N ALA E 131 -0.21 -26.83 1.53
CA ALA E 131 0.18 -25.97 0.42
C ALA E 131 -0.02 -26.63 -0.94
N GLY E 132 0.06 -27.95 -1.00
CA GLY E 132 -0.20 -28.68 -2.23
C GLY E 132 -1.66 -29.01 -2.47
N GLN E 133 -2.48 -28.97 -1.43
CA GLN E 133 -3.91 -29.16 -1.57
C GLN E 133 -4.67 -27.86 -1.80
N GLN E 134 -4.04 -26.71 -1.51
CA GLN E 134 -4.64 -25.44 -1.88
C GLN E 134 -4.67 -25.26 -3.39
N ARG E 135 -3.62 -25.73 -4.07
CA ARG E 135 -3.61 -25.69 -5.53
C ARG E 135 -4.70 -26.59 -6.11
N ARG E 136 -4.95 -27.73 -5.47
CA ARG E 136 -5.98 -28.65 -5.94
C ARG E 136 -7.37 -28.03 -5.87
N VAL E 137 -7.62 -27.12 -4.93
CA VAL E 137 -8.91 -26.44 -4.88
C VAL E 137 -9.15 -25.66 -6.16
N ALA E 138 -8.13 -24.92 -6.62
CA ALA E 138 -8.25 -24.19 -7.88
C ALA E 138 -8.28 -25.12 -9.07
N LEU E 139 -7.45 -26.17 -9.08
CA LEU E 139 -7.38 -27.08 -10.21
C LEU E 139 -8.61 -27.99 -10.32
N ALA E 140 -9.45 -28.04 -9.30
CA ALA E 140 -10.70 -28.79 -9.39
C ALA E 140 -11.70 -28.15 -10.35
N ARG E 141 -11.48 -26.89 -10.75
CA ARG E 141 -12.38 -26.24 -11.69
C ARG E 141 -12.33 -26.85 -13.08
N LEU E 142 -11.25 -27.57 -13.41
CA LEU E 142 -11.14 -28.17 -14.73
C LEU E 142 -12.23 -29.20 -14.99
N TRP E 143 -12.83 -29.75 -13.94
CA TRP E 143 -13.92 -30.71 -14.08
C TRP E 143 -15.29 -30.06 -14.03
N LEU E 144 -15.37 -28.76 -13.79
CA LEU E 144 -16.63 -28.04 -13.69
C LEU E 144 -16.91 -27.15 -14.89
N THR E 145 -15.95 -26.32 -15.28
CA THR E 145 -16.18 -25.28 -16.27
C THR E 145 -16.47 -25.88 -17.65
N ARG E 146 -17.22 -25.12 -18.45
CA ARG E 146 -17.49 -25.45 -19.83
C ARG E 146 -16.70 -24.56 -20.79
N ALA E 147 -15.63 -23.95 -20.30
CA ALA E 147 -14.83 -23.06 -21.12
C ALA E 147 -14.12 -23.82 -22.24
N THR E 148 -13.78 -23.10 -23.30
CA THR E 148 -13.12 -23.68 -24.46
C THR E 148 -11.72 -23.09 -24.65
N LEU E 149 -11.14 -22.51 -23.60
CA LEU E 149 -9.79 -21.95 -23.68
C LEU E 149 -9.20 -21.95 -22.27
N TRP E 150 -8.31 -22.90 -22.01
CA TRP E 150 -7.66 -23.03 -20.72
C TRP E 150 -6.25 -22.45 -20.83
N ILE E 151 -5.99 -21.36 -20.12
CA ILE E 151 -4.66 -20.78 -20.03
C ILE E 151 -4.15 -21.07 -18.62
N LEU E 152 -3.36 -22.13 -18.49
CA LEU E 152 -2.84 -22.58 -17.21
C LEU E 152 -1.41 -22.07 -17.03
N ASP E 153 -1.17 -21.36 -15.94
CA ASP E 153 0.14 -20.81 -15.63
C ASP E 153 0.75 -21.67 -14.51
N GLU E 154 1.69 -22.54 -14.90
CA GLU E 154 2.33 -23.48 -13.99
C GLU E 154 1.26 -24.29 -13.26
N PRO E 155 0.52 -25.15 -13.97
CA PRO E 155 -0.49 -25.96 -13.29
C PRO E 155 0.07 -26.91 -12.26
N PHE E 156 1.30 -27.39 -12.48
CA PHE E 156 1.90 -28.41 -11.61
C PHE E 156 2.89 -27.72 -10.68
N THR E 157 2.37 -27.17 -9.59
CA THR E 157 3.20 -26.48 -8.61
C THR E 157 3.65 -27.41 -7.50
N ALA E 158 2.70 -27.99 -6.77
CA ALA E 158 2.99 -28.92 -5.69
C ALA E 158 2.15 -30.18 -5.79
N ILE E 159 1.65 -30.50 -6.98
CA ILE E 159 0.78 -31.66 -7.14
C ILE E 159 1.60 -32.95 -7.04
N ASP E 160 1.08 -33.91 -6.28
CA ASP E 160 1.73 -35.19 -6.12
C ASP E 160 1.77 -35.92 -7.47
N VAL E 161 2.69 -36.89 -7.58
CA VAL E 161 2.88 -37.59 -8.84
C VAL E 161 1.64 -38.41 -9.23
N ASN E 162 0.69 -38.58 -8.33
CA ASN E 162 -0.56 -39.23 -8.70
C ASN E 162 -1.51 -38.23 -9.37
N GLY E 163 -1.59 -37.02 -8.82
CA GLY E 163 -2.50 -36.02 -9.38
C GLY E 163 -2.12 -35.60 -10.80
N VAL E 164 -0.81 -35.55 -11.08
CA VAL E 164 -0.37 -35.07 -12.39
C VAL E 164 -0.88 -35.97 -13.50
N ASP E 165 -0.98 -37.28 -13.25
CA ASP E 165 -1.49 -38.21 -14.24
C ASP E 165 -2.98 -38.08 -14.44
N ARG E 166 -3.68 -37.36 -13.56
CA ARG E 166 -5.09 -37.06 -13.76
C ARG E 166 -5.29 -35.70 -14.43
N LEU E 167 -4.47 -34.72 -14.09
CA LEU E 167 -4.52 -33.45 -14.81
C LEU E 167 -4.15 -33.64 -16.28
N THR E 168 -3.04 -34.34 -16.55
CA THR E 168 -2.70 -34.64 -17.94
C THR E 168 -3.33 -35.98 -18.34
N GLN E 169 -4.60 -36.12 -17.96
CA GLN E 169 -5.54 -37.04 -18.58
C GLN E 169 -6.90 -36.41 -18.79
N ARG E 170 -7.27 -35.40 -18.00
CA ARG E 170 -8.40 -34.53 -18.28
C ARG E 170 -8.08 -33.53 -19.38
N MET E 171 -6.87 -32.98 -19.36
CA MET E 171 -6.45 -32.06 -20.41
C MET E 171 -6.37 -32.73 -21.77
N ALA E 172 -5.93 -33.98 -21.83
CA ALA E 172 -5.85 -34.71 -23.09
C ALA E 172 -7.21 -35.08 -23.66
N GLN E 173 -8.27 -34.93 -22.88
CA GLN E 173 -9.64 -35.04 -23.39
C GLN E 173 -10.23 -33.69 -23.76
N HIS E 174 -9.96 -32.67 -22.95
CA HIS E 174 -10.42 -31.32 -23.29
C HIS E 174 -9.84 -30.88 -24.64
N THR E 175 -8.53 -31.00 -24.81
CA THR E 175 -7.94 -30.69 -26.10
C THR E 175 -8.35 -31.66 -27.18
N GLU E 176 -8.84 -32.84 -26.81
CA GLU E 176 -9.30 -33.81 -27.80
C GLU E 176 -10.64 -33.42 -28.40
N GLN E 177 -11.58 -32.91 -27.59
CA GLN E 177 -12.90 -32.63 -28.14
C GLN E 177 -12.90 -31.33 -28.96
N GLY E 178 -12.74 -30.19 -28.29
CA GLY E 178 -12.61 -28.93 -29.01
C GLY E 178 -11.76 -27.89 -28.30
N GLY E 179 -11.13 -28.28 -27.20
CA GLY E 179 -10.51 -27.30 -26.32
C GLY E 179 -9.18 -26.79 -26.81
N ILE E 180 -8.71 -25.75 -26.14
CA ILE E 180 -7.37 -25.20 -26.36
C ILE E 180 -6.77 -24.99 -24.97
N VAL E 181 -5.63 -25.62 -24.71
CA VAL E 181 -4.94 -25.52 -23.42
C VAL E 181 -3.56 -24.93 -23.66
N ILE E 182 -3.23 -23.88 -22.91
CA ILE E 182 -1.95 -23.20 -23.05
C ILE E 182 -1.14 -23.38 -21.78
N LEU E 183 -0.23 -24.34 -21.78
CA LEU E 183 0.56 -24.67 -20.59
C LEU E 183 1.82 -23.83 -20.51
N THR E 184 2.36 -23.77 -19.30
CA THR E 184 3.74 -23.30 -19.09
C THR E 184 4.28 -24.03 -17.85
N THR E 185 4.96 -25.14 -18.09
CA THR E 185 5.44 -26.00 -17.02
C THR E 185 6.91 -26.34 -17.24
N HIS E 186 7.62 -26.54 -16.13
CA HIS E 186 9.02 -26.93 -16.17
C HIS E 186 9.20 -28.43 -16.01
N GLN E 187 8.26 -29.11 -15.37
CA GLN E 187 8.32 -30.56 -15.29
C GLN E 187 7.99 -31.17 -16.65
N PRO E 188 8.72 -32.21 -17.06
CA PRO E 188 8.42 -32.86 -18.34
C PRO E 188 7.01 -33.43 -18.36
N LEU E 189 6.37 -33.35 -19.51
CA LEU E 189 5.02 -33.87 -19.69
C LEU E 189 5.09 -35.36 -20.02
N ASN E 190 4.36 -36.16 -19.23
CA ASN E 190 4.37 -37.60 -19.44
C ASN E 190 3.72 -37.98 -20.77
N VAL E 191 2.69 -37.25 -21.18
CA VAL E 191 2.00 -37.55 -22.43
C VAL E 191 2.98 -37.43 -23.60
N ALA E 192 2.69 -38.16 -24.67
CA ALA E 192 3.59 -38.22 -25.82
C ALA E 192 3.86 -36.83 -26.38
N GLU E 193 5.10 -36.61 -26.80
CA GLU E 193 5.54 -35.29 -27.27
C GLU E 193 5.17 -35.04 -28.73
N SER E 194 4.59 -36.01 -29.41
CA SER E 194 4.13 -35.81 -30.79
C SER E 194 2.82 -35.03 -30.87
N LYS E 195 2.32 -34.55 -29.74
CA LYS E 195 1.04 -33.84 -29.69
C LYS E 195 1.20 -32.38 -29.31
N ILE E 196 1.95 -32.08 -28.24
CA ILE E 196 2.07 -30.72 -27.75
C ILE E 196 2.84 -29.88 -28.77
N ARG E 197 2.25 -28.75 -29.18
CA ARG E 197 2.92 -27.80 -30.05
C ARG E 197 3.66 -26.80 -29.18
N ARG E 198 4.98 -26.92 -29.12
CA ARG E 198 5.81 -26.06 -28.29
C ARG E 198 6.22 -24.83 -29.09
N ILE E 199 5.98 -23.65 -28.52
CA ILE E 199 6.38 -22.38 -29.12
C ILE E 199 7.26 -21.63 -28.14
N SER E 200 8.39 -21.14 -28.63
CA SER E 200 9.36 -20.43 -27.81
C SER E 200 9.27 -18.94 -28.08
N LEU E 201 9.54 -18.15 -27.05
CA LEU E 201 9.48 -16.70 -27.16
C LEU E 201 10.55 -16.21 -28.11
N THR E 202 10.15 -15.78 -29.30
CA THR E 202 11.09 -15.31 -30.31
C THR E 202 10.91 -13.82 -30.58
N MET F 1 -21.15 -15.71 -11.17
CA MET F 1 -20.63 -14.61 -11.98
C MET F 1 -21.55 -13.39 -11.90
N MET F 2 -22.77 -13.61 -11.44
CA MET F 2 -23.75 -12.54 -11.37
C MET F 2 -23.39 -11.55 -10.27
N PHE F 3 -24.00 -10.36 -10.34
CA PHE F 3 -23.74 -9.30 -9.37
C PHE F 3 -24.07 -9.76 -7.94
N TRP F 4 -25.26 -10.33 -7.75
CA TRP F 4 -25.67 -10.73 -6.41
C TRP F 4 -24.82 -11.87 -5.87
N ARG F 5 -24.32 -12.75 -6.76
CA ARG F 5 -23.42 -13.79 -6.30
C ARG F 5 -22.13 -13.22 -5.73
N ILE F 6 -21.56 -12.21 -6.39
CA ILE F 6 -20.36 -11.55 -5.87
C ILE F 6 -20.68 -10.84 -4.55
N PHE F 7 -21.83 -10.19 -4.47
CA PHE F 7 -22.22 -9.52 -3.23
C PHE F 7 -22.30 -10.51 -2.07
N ARG F 8 -22.99 -11.63 -2.28
CA ARG F 8 -23.12 -12.62 -1.22
C ARG F 8 -21.78 -13.25 -0.88
N LEU F 9 -20.92 -13.48 -1.89
CA LEU F 9 -19.60 -14.02 -1.62
C LEU F 9 -18.79 -13.10 -0.74
N GLU F 10 -18.81 -11.79 -1.03
CA GLU F 10 -18.03 -10.86 -0.23
C GLU F 10 -18.61 -10.72 1.17
N LEU F 11 -19.94 -10.77 1.30
CA LEU F 11 -20.53 -10.77 2.63
C LEU F 11 -20.09 -11.99 3.44
N ARG F 12 -20.06 -13.16 2.79
CA ARG F 12 -19.62 -14.37 3.48
C ARG F 12 -18.15 -14.28 3.89
N VAL F 13 -17.30 -13.76 3.00
CA VAL F 13 -15.88 -13.67 3.30
C VAL F 13 -15.62 -12.69 4.43
N ALA F 14 -16.32 -11.56 4.42
CA ALA F 14 -16.07 -10.52 5.44
C ALA F 14 -16.38 -11.01 6.84
N PHE F 15 -17.38 -11.89 6.99
CA PHE F 15 -17.74 -12.39 8.32
C PHE F 15 -16.67 -13.31 8.90
N ARG F 16 -16.02 -14.11 8.07
CA ARG F 16 -14.91 -14.95 8.53
C ARG F 16 -13.63 -14.16 8.73
N HIS F 17 -13.59 -12.90 8.30
CA HIS F 17 -12.50 -12.00 8.59
C HIS F 17 -12.79 -11.14 9.82
N SER F 18 -13.54 -11.68 10.78
CA SER F 18 -13.89 -10.96 11.99
C SER F 18 -12.64 -10.64 12.80
N ALA F 19 -12.81 -9.85 13.86
CA ALA F 19 -11.74 -9.26 14.67
C ALA F 19 -10.93 -8.24 13.89
N GLU F 20 -11.25 -8.02 12.62
CA GLU F 20 -10.68 -6.94 11.82
C GLU F 20 -11.72 -5.99 11.28
N ILE F 21 -12.95 -6.47 11.04
CA ILE F 21 -14.06 -5.59 10.71
C ILE F 21 -14.70 -4.99 11.96
N ALA F 22 -14.31 -5.45 13.15
CA ALA F 22 -14.79 -4.88 14.39
C ALA F 22 -13.85 -3.85 14.99
N ASN F 23 -12.59 -3.83 14.55
CA ASN F 23 -11.68 -2.77 15.00
C ASN F 23 -12.15 -1.37 14.62
N PRO F 24 -12.63 -1.10 13.41
CA PRO F 24 -13.18 0.23 13.13
C PRO F 24 -14.33 0.62 14.03
N LEU F 25 -15.20 -0.33 14.39
CA LEU F 25 -16.29 -0.03 15.30
C LEU F 25 -15.77 0.34 16.68
N TRP F 26 -14.75 -0.38 17.15
CA TRP F 26 -14.14 -0.05 18.44
C TRP F 26 -13.47 1.31 18.41
N PHE F 27 -12.80 1.64 17.29
CA PHE F 27 -12.20 2.96 17.16
C PHE F 27 -13.27 4.05 17.18
N PHE F 28 -14.37 3.83 16.47
CA PHE F 28 -15.48 4.77 16.49
C PHE F 28 -15.99 4.98 17.92
N LEU F 29 -16.22 3.89 18.65
CA LEU F 29 -16.73 4.00 20.01
C LEU F 29 -15.74 4.71 20.92
N ILE F 30 -14.45 4.40 20.81
CA ILE F 30 -13.45 5.04 21.66
C ILE F 30 -13.36 6.53 21.37
N VAL F 31 -13.37 6.92 20.09
CA VAL F 31 -13.28 8.34 19.76
C VAL F 31 -14.53 9.07 20.24
N ILE F 32 -15.71 8.47 20.08
CA ILE F 32 -16.93 9.10 20.56
C ILE F 32 -16.93 9.23 22.07
N THR F 33 -16.37 8.25 22.78
CA THR F 33 -16.37 8.26 24.25
C THR F 33 -15.34 9.21 24.83
N LEU F 34 -14.17 9.35 24.19
CA LEU F 34 -13.06 10.08 24.79
C LEU F 34 -13.39 11.55 25.01
N PHE F 35 -13.92 12.22 23.99
CA PHE F 35 -14.11 13.66 24.06
C PHE F 35 -15.06 14.11 25.16
N PRO F 36 -16.23 13.48 25.39
CA PRO F 36 -17.10 13.97 26.46
C PRO F 36 -16.44 14.01 27.82
N LEU F 37 -15.50 13.10 28.10
CA LEU F 37 -14.79 13.12 29.37
C LEU F 37 -13.58 14.05 29.36
N SER F 38 -12.96 14.24 28.19
CA SER F 38 -11.80 15.11 28.11
C SER F 38 -12.17 16.56 28.43
N ILE F 39 -13.31 17.02 27.94
CA ILE F 39 -13.73 18.40 28.15
C ILE F 39 -14.56 18.50 29.42
N GLY F 40 -14.76 17.37 30.10
CA GLY F 40 -15.54 17.34 31.31
C GLY F 40 -17.03 17.45 31.04
N PRO F 41 -17.81 17.63 32.10
CA PRO F 41 -19.28 17.72 31.96
C PRO F 41 -19.75 19.13 31.59
N GLU F 42 -19.56 19.49 30.33
CA GLU F 42 -19.99 20.78 29.82
C GLU F 42 -21.11 20.58 28.82
N PRO F 43 -22.33 21.03 29.10
CA PRO F 43 -23.45 20.79 28.17
C PRO F 43 -23.29 21.52 26.84
N GLN F 44 -23.07 22.83 26.88
CA GLN F 44 -23.09 23.63 25.66
C GLN F 44 -21.91 23.28 24.75
N LEU F 45 -20.71 23.13 25.32
CA LEU F 45 -19.54 22.83 24.49
C LEU F 45 -19.67 21.46 23.84
N LEU F 46 -20.08 20.45 24.61
CA LEU F 46 -20.25 19.12 24.04
C LEU F 46 -21.34 19.11 22.99
N ALA F 47 -22.45 19.81 23.24
CA ALA F 47 -23.53 19.87 22.27
C ALA F 47 -23.10 20.58 20.98
N ARG F 48 -22.20 21.55 21.10
CA ARG F 48 -21.73 22.24 19.90
C ARG F 48 -20.70 21.42 19.13
N ILE F 49 -19.86 20.65 19.82
CA ILE F 49 -18.80 19.90 19.15
C ILE F 49 -19.24 18.51 18.70
N ALA F 50 -20.38 18.01 19.18
CA ALA F 50 -20.79 16.66 18.82
C ALA F 50 -20.97 16.45 17.32
N PRO F 51 -21.67 17.34 16.57
CA PRO F 51 -21.83 17.07 15.13
C PRO F 51 -20.52 16.94 14.38
N GLY F 52 -19.47 17.61 14.83
CA GLY F 52 -18.18 17.51 14.17
C GLY F 52 -17.42 16.26 14.54
N ILE F 53 -17.36 15.97 15.84
CA ILE F 53 -16.59 14.80 16.28
C ILE F 53 -17.24 13.51 15.79
N ILE F 54 -18.57 13.47 15.71
CA ILE F 54 -19.24 12.26 15.22
C ILE F 54 -18.78 11.93 13.81
N TRP F 55 -18.79 12.93 12.92
CA TRP F 55 -18.40 12.66 11.54
C TRP F 55 -16.91 12.49 11.38
N VAL F 56 -16.09 13.15 12.21
CA VAL F 56 -14.66 12.89 12.17
C VAL F 56 -14.38 11.44 12.53
N ALA F 57 -15.03 10.95 13.60
CA ALA F 57 -14.85 9.55 13.99
C ALA F 57 -15.37 8.60 12.91
N ALA F 58 -16.50 8.95 12.29
CA ALA F 58 -17.04 8.10 11.22
C ALA F 58 -16.08 8.03 10.04
N LEU F 59 -15.51 9.17 9.65
CA LEU F 59 -14.55 9.19 8.55
C LEU F 59 -13.31 8.39 8.88
N LEU F 60 -12.79 8.54 10.11
CA LEU F 60 -11.60 7.79 10.49
C LEU F 60 -11.86 6.30 10.55
N SER F 61 -13.03 5.90 11.06
CA SER F 61 -13.38 4.48 11.09
C SER F 61 -13.53 3.92 9.68
N SER F 62 -14.15 4.70 8.77
CA SER F 62 -14.27 4.25 7.40
C SER F 62 -12.91 4.11 6.74
N LEU F 63 -12.00 5.06 7.01
CA LEU F 63 -10.65 4.97 6.46
C LEU F 63 -9.93 3.73 7.00
N LEU F 64 -10.10 3.47 8.30
CA LEU F 64 -9.48 2.28 8.90
C LEU F 64 -10.02 1.00 8.29
N ALA F 65 -11.33 0.94 8.01
CA ALA F 65 -11.93 -0.25 7.42
C ALA F 65 -11.62 -0.39 5.94
N LEU F 66 -11.32 0.70 5.24
CA LEU F 66 -11.06 0.65 3.80
C LEU F 66 -9.78 -0.07 3.45
N GLU F 67 -8.91 -0.36 4.42
CA GLU F 67 -7.63 -0.98 4.11
C GLU F 67 -7.77 -2.41 3.58
N ARG F 68 -8.92 -3.04 3.80
CA ARG F 68 -9.14 -4.42 3.38
C ARG F 68 -10.14 -4.54 2.23
N LEU F 69 -10.42 -3.44 1.53
CA LEU F 69 -11.37 -3.50 0.42
C LEU F 69 -10.85 -4.39 -0.70
N PHE F 70 -9.56 -4.27 -1.03
CA PHE F 70 -8.97 -5.07 -2.09
C PHE F 70 -7.63 -5.69 -1.71
N ARG F 71 -7.11 -5.40 -0.51
CA ARG F 71 -5.77 -5.83 -0.16
C ARG F 71 -5.64 -7.35 -0.18
N ASP F 72 -6.57 -8.05 0.48
CA ASP F 72 -6.45 -9.49 0.62
C ASP F 72 -6.60 -10.20 -0.73
N ASP F 73 -7.39 -9.63 -1.64
CA ASP F 73 -7.60 -10.28 -2.93
C ASP F 73 -6.35 -10.20 -3.81
N LEU F 74 -5.50 -9.20 -3.60
CA LEU F 74 -4.36 -8.99 -4.49
C LEU F 74 -3.40 -10.17 -4.48
N GLN F 75 -3.15 -10.75 -3.31
CA GLN F 75 -2.23 -11.87 -3.19
C GLN F 75 -2.78 -13.15 -3.81
N ASP F 76 -4.03 -13.14 -4.26
CA ASP F 76 -4.64 -14.34 -4.82
C ASP F 76 -5.77 -14.00 -5.79
N GLY F 77 -7.02 -13.92 -5.32
CA GLY F 77 -8.15 -13.78 -6.20
C GLY F 77 -8.57 -12.36 -6.55
N SER F 78 -7.60 -11.47 -6.75
CA SER F 78 -7.91 -10.18 -7.35
C SER F 78 -8.21 -10.33 -8.83
N LEU F 79 -7.56 -11.29 -9.48
CA LEU F 79 -7.96 -11.76 -10.80
C LEU F 79 -9.15 -12.70 -10.61
N GLU F 80 -9.52 -13.43 -11.67
CA GLU F 80 -10.72 -14.27 -11.68
C GLU F 80 -11.96 -13.39 -11.66
N GLN F 81 -11.76 -12.08 -11.57
CA GLN F 81 -12.80 -11.07 -11.60
C GLN F 81 -12.64 -10.14 -12.79
N LEU F 82 -11.44 -9.61 -13.01
CA LEU F 82 -11.14 -8.97 -14.28
C LEU F 82 -11.07 -10.01 -15.40
N MET F 83 -10.45 -11.14 -15.12
CA MET F 83 -10.21 -12.18 -16.13
C MET F 83 -11.49 -12.94 -16.48
N LEU F 84 -12.39 -13.12 -15.51
CA LEU F 84 -13.65 -13.83 -15.71
C LEU F 84 -14.81 -12.94 -15.34
N LEU F 85 -15.99 -13.55 -15.19
CA LEU F 85 -17.20 -12.82 -14.81
C LEU F 85 -17.49 -11.77 -15.87
N PRO F 86 -18.00 -12.19 -17.05
CA PRO F 86 -18.24 -11.23 -18.14
C PRO F 86 -19.02 -9.98 -17.73
N LEU F 87 -19.58 -10.00 -16.53
CA LEU F 87 -20.12 -8.80 -15.93
C LEU F 87 -19.04 -7.72 -15.90
N PRO F 88 -19.35 -6.49 -16.35
CA PRO F 88 -18.30 -5.47 -16.49
C PRO F 88 -17.62 -5.18 -15.16
N LEU F 89 -16.33 -4.85 -15.26
CA LEU F 89 -15.55 -4.54 -14.06
C LEU F 89 -16.15 -3.44 -13.19
N PRO F 90 -16.73 -2.36 -13.74
CA PRO F 90 -17.44 -1.41 -12.87
C PRO F 90 -18.51 -2.06 -12.01
N ALA F 91 -19.23 -3.05 -12.55
CA ALA F 91 -20.24 -3.74 -11.75
C ALA F 91 -19.59 -4.55 -10.62
N VAL F 92 -18.45 -5.18 -10.89
CA VAL F 92 -17.74 -5.90 -9.84
C VAL F 92 -17.30 -4.94 -8.75
N VAL F 93 -16.79 -3.76 -9.14
CA VAL F 93 -16.39 -2.76 -8.16
C VAL F 93 -17.61 -2.29 -7.37
N LEU F 94 -18.76 -2.15 -8.03
CA LEU F 94 -19.98 -1.76 -7.33
C LEU F 94 -20.37 -2.79 -6.29
N ALA F 95 -20.27 -4.07 -6.64
CA ALA F 95 -20.56 -5.13 -5.66
C ALA F 95 -19.59 -5.08 -4.49
N LYS F 96 -18.30 -4.88 -4.78
CA LYS F 96 -17.31 -4.74 -3.72
C LYS F 96 -17.66 -3.59 -2.78
N VAL F 97 -18.03 -2.43 -3.36
CA VAL F 97 -18.32 -1.26 -2.55
C VAL F 97 -19.57 -1.48 -1.71
N MET F 98 -20.60 -2.07 -2.29
CA MET F 98 -21.83 -2.31 -1.52
C MET F 98 -21.59 -3.30 -0.38
N ALA F 99 -20.82 -4.36 -0.64
CA ALA F 99 -20.49 -5.28 0.44
C ALA F 99 -19.70 -4.60 1.54
N HIS F 100 -18.72 -3.77 1.16
CA HIS F 100 -17.95 -3.04 2.15
C HIS F 100 -18.84 -2.12 2.99
N TRP F 101 -19.78 -1.44 2.33
CA TRP F 101 -20.70 -0.58 3.07
C TRP F 101 -21.58 -1.40 4.02
N MET F 102 -22.04 -2.56 3.57
CA MET F 102 -22.82 -3.43 4.44
C MET F 102 -22.01 -3.88 5.65
N VAL F 103 -20.71 -4.04 5.49
CA VAL F 103 -19.86 -4.49 6.59
C VAL F 103 -19.36 -3.32 7.43
N THR F 104 -19.28 -2.12 6.87
CA THR F 104 -18.73 -0.96 7.58
C THR F 104 -19.77 0.11 7.86
N GLY F 105 -20.43 0.63 6.81
CA GLY F 105 -21.35 1.73 7.02
C GLY F 105 -22.58 1.36 7.83
N LEU F 106 -23.17 0.20 7.52
CA LEU F 106 -24.37 -0.23 8.25
C LEU F 106 -24.11 -0.45 9.73
N PRO F 107 -23.01 -1.09 10.16
CA PRO F 107 -22.77 -1.16 11.61
C PRO F 107 -22.63 0.22 12.27
N LEU F 108 -22.03 1.19 11.58
CA LEU F 108 -21.97 2.54 12.13
C LEU F 108 -23.36 3.15 12.24
N LEU F 109 -24.22 2.88 11.25
CA LEU F 109 -25.56 3.45 11.26
C LEU F 109 -26.47 2.79 12.28
N ILE F 110 -26.20 1.53 12.65
CA ILE F 110 -27.17 0.78 13.46
C ILE F 110 -27.12 1.14 14.95
N LEU F 111 -26.01 1.65 15.45
CA LEU F 111 -25.94 2.06 16.85
C LEU F 111 -26.17 3.56 17.02
N SER F 112 -26.61 4.25 15.97
CA SER F 112 -26.85 5.68 16.08
C SER F 112 -27.80 6.07 17.20
N PRO F 113 -28.91 5.35 17.48
CA PRO F 113 -29.73 5.74 18.63
C PRO F 113 -28.97 5.72 19.94
N LEU F 114 -28.08 4.75 20.13
CA LEU F 114 -27.28 4.69 21.35
C LEU F 114 -26.31 5.86 21.43
N VAL F 115 -25.65 6.18 20.31
CA VAL F 115 -24.72 7.30 20.29
C VAL F 115 -25.46 8.60 20.56
N ALA F 116 -26.62 8.78 19.92
CA ALA F 116 -27.41 10.00 20.14
C ALA F 116 -27.87 10.10 21.60
N MET F 117 -28.29 8.98 22.19
CA MET F 117 -28.71 9.00 23.58
C MET F 117 -27.56 9.35 24.50
N LEU F 118 -26.37 8.78 24.25
CA LEU F 118 -25.22 9.06 25.09
C LEU F 118 -24.79 10.52 24.98
N LEU F 119 -24.81 11.07 23.76
CA LEU F 119 -24.35 12.44 23.54
C LEU F 119 -25.41 13.48 23.83
N GLY F 120 -26.62 13.06 24.22
CA GLY F 120 -27.68 13.99 24.52
C GLY F 120 -28.51 14.44 23.34
N MET F 121 -28.20 13.96 22.13
CA MET F 121 -28.97 14.35 20.94
C MET F 121 -30.42 13.95 21.10
N ASP F 122 -31.32 14.87 20.76
CA ASP F 122 -32.74 14.61 20.85
C ASP F 122 -33.16 13.67 19.71
N VAL F 123 -34.46 13.37 19.64
CA VAL F 123 -34.96 12.49 18.60
C VAL F 123 -34.73 13.09 17.22
N TYR F 124 -34.97 14.39 17.07
CA TYR F 124 -34.75 15.06 15.79
C TYR F 124 -33.27 15.04 15.42
N GLY F 125 -32.39 15.27 16.40
CA GLY F 125 -30.97 15.19 16.13
C GLY F 125 -30.54 13.81 15.68
N TRP F 126 -31.09 12.77 16.31
CA TRP F 126 -30.79 11.41 15.87
C TRP F 126 -31.31 11.16 14.46
N GLN F 127 -32.50 11.67 14.15
CA GLN F 127 -33.04 11.49 12.80
C GLN F 127 -32.13 12.11 11.76
N VAL F 128 -31.66 13.34 12.02
CA VAL F 128 -30.78 14.00 11.08
C VAL F 128 -29.45 13.26 10.97
N MET F 129 -28.91 12.79 12.10
CA MET F 129 -27.65 12.06 12.07
C MET F 129 -27.78 10.76 11.29
N ALA F 130 -28.89 10.04 11.47
CA ALA F 130 -29.11 8.81 10.72
C ALA F 130 -29.28 9.10 9.24
N LEU F 131 -30.01 10.16 8.89
CA LEU F 131 -30.22 10.49 7.50
C LEU F 131 -28.93 10.91 6.81
N THR F 132 -28.03 11.58 7.53
CA THR F 132 -26.76 11.96 6.92
C THR F 132 -25.74 10.84 6.96
N LEU F 133 -25.88 9.87 7.86
CA LEU F 133 -25.02 8.69 7.82
C LEU F 133 -25.45 7.74 6.71
N LEU F 134 -26.75 7.65 6.43
CA LEU F 134 -27.23 6.80 5.35
C LEU F 134 -26.74 7.30 4.00
N LEU F 135 -26.68 8.62 3.82
CA LEU F 135 -26.21 9.24 2.59
C LEU F 135 -24.74 9.61 2.62
N GLY F 136 -24.04 9.32 3.71
CA GLY F 136 -22.66 9.78 3.85
C GLY F 136 -21.62 8.69 3.75
N THR F 137 -21.89 7.54 4.35
CA THR F 137 -20.93 6.44 4.36
C THR F 137 -20.84 5.72 3.01
N PRO F 138 -21.94 5.56 2.24
CA PRO F 138 -21.75 5.08 0.86
C PRO F 138 -20.89 6.01 0.04
N THR F 139 -21.00 7.32 0.27
CA THR F 139 -20.10 8.28 -0.35
C THR F 139 -18.65 8.00 0.06
N LEU F 140 -18.43 7.70 1.33
CA LEU F 140 -17.09 7.38 1.80
C LEU F 140 -16.55 6.15 1.08
N GLY F 141 -17.37 5.12 0.92
CA GLY F 141 -16.92 3.93 0.22
C GLY F 141 -16.58 4.20 -1.24
N PHE F 142 -17.45 4.93 -1.93
CA PHE F 142 -17.22 5.22 -3.34
C PHE F 142 -16.00 6.12 -3.52
N LEU F 143 -15.76 7.04 -2.58
CA LEU F 143 -14.60 7.92 -2.70
C LEU F 143 -13.31 7.20 -2.36
N GLY F 144 -13.33 6.27 -1.41
CA GLY F 144 -12.15 5.53 -1.04
C GLY F 144 -11.84 4.34 -1.91
N ALA F 145 -12.78 3.90 -2.75
CA ALA F 145 -12.50 2.80 -3.65
C ALA F 145 -11.35 3.09 -4.62
N PRO F 146 -11.30 4.23 -5.32
CA PRO F 146 -10.14 4.48 -6.20
C PRO F 146 -8.81 4.52 -5.47
N GLY F 147 -8.79 5.10 -4.26
CA GLY F 147 -7.54 5.19 -3.53
C GLY F 147 -7.00 3.83 -3.14
N VAL F 148 -7.86 2.97 -2.60
CA VAL F 148 -7.42 1.62 -2.23
C VAL F 148 -7.11 0.80 -3.47
N ALA F 149 -7.80 1.05 -4.58
CA ALA F 149 -7.50 0.35 -5.82
C ALA F 149 -6.10 0.71 -6.31
N LEU F 150 -5.74 1.99 -6.22
CA LEU F 150 -4.39 2.39 -6.62
C LEU F 150 -3.34 1.87 -5.65
N THR F 151 -3.65 1.87 -4.35
CA THR F 151 -2.67 1.55 -3.32
C THR F 151 -2.51 0.04 -3.09
N VAL F 152 -3.43 -0.77 -3.62
CA VAL F 152 -3.48 -2.19 -3.24
C VAL F 152 -2.17 -2.91 -3.59
N GLY F 153 -1.60 -2.61 -4.75
CA GLY F 153 -0.34 -3.24 -5.13
C GLY F 153 0.85 -2.68 -4.37
N LEU F 154 0.73 -1.44 -3.87
CA LEU F 154 1.83 -0.77 -3.20
C LEU F 154 2.02 -1.28 -1.78
N LYS F 155 0.93 -1.67 -1.10
CA LYS F 155 0.92 -2.01 0.33
C LYS F 155 1.79 -1.06 1.15
N ARG F 156 1.73 0.23 0.81
CA ARG F 156 2.21 1.30 1.67
C ARG F 156 0.99 1.78 2.45
N GLY F 157 0.65 1.04 3.50
CA GLY F 157 -0.67 1.16 4.11
C GLY F 157 -0.75 2.29 5.11
N GLY F 158 -1.95 2.82 5.31
CA GLY F 158 -2.20 3.79 6.35
C GLY F 158 -1.96 5.23 5.95
N VAL F 159 -0.70 5.66 5.94
CA VAL F 159 -0.41 7.06 5.63
C VAL F 159 -0.72 7.37 4.17
N LEU F 160 -0.28 6.51 3.25
CA LEU F 160 -0.49 6.80 1.84
C LEU F 160 -1.97 6.78 1.47
N LEU F 161 -2.68 5.74 1.89
CA LEU F 161 -4.11 5.63 1.57
C LEU F 161 -4.87 6.82 2.12
N SER F 162 -4.53 7.24 3.35
CA SER F 162 -5.17 8.42 3.93
C SER F 162 -4.88 9.67 3.11
N ILE F 163 -3.61 9.87 2.73
CA ILE F 163 -3.25 11.05 1.95
C ILE F 163 -4.03 11.08 0.64
N LEU F 164 -4.25 9.92 0.03
CA LEU F 164 -5.06 9.88 -1.19
C LEU F 164 -6.53 10.16 -0.93
N VAL F 165 -7.12 9.57 0.12
CA VAL F 165 -8.59 9.55 0.18
C VAL F 165 -9.18 10.68 1.01
N LEU F 166 -8.48 11.10 2.06
CA LEU F 166 -9.06 12.09 2.98
C LEU F 166 -9.38 13.44 2.31
N PRO F 167 -8.51 14.04 1.50
CA PRO F 167 -8.87 15.33 0.89
C PRO F 167 -10.11 15.26 0.02
N LEU F 168 -10.41 14.11 -0.57
CA LEU F 168 -11.59 13.99 -1.43
C LEU F 168 -12.89 13.99 -0.65
N THR F 169 -12.86 13.86 0.66
CA THR F 169 -14.05 13.79 1.49
C THR F 169 -14.39 15.11 2.16
N ILE F 170 -13.73 16.21 1.75
CA ILE F 170 -13.98 17.50 2.39
C ILE F 170 -15.41 17.96 2.23
N PRO F 171 -16.00 18.01 1.03
CA PRO F 171 -17.39 18.49 0.94
C PRO F 171 -18.37 17.63 1.71
N LEU F 172 -18.19 16.32 1.71
CA LEU F 172 -19.07 15.43 2.46
C LEU F 172 -19.03 15.78 3.95
N LEU F 173 -17.83 15.89 4.51
CA LEU F 173 -17.69 16.22 5.92
C LEU F 173 -18.31 17.58 6.23
N ILE F 174 -18.00 18.60 5.41
CA ILE F 174 -18.49 19.94 5.68
C ILE F 174 -20.00 19.98 5.66
N PHE F 175 -20.62 19.40 4.62
CA PHE F 175 -22.07 19.46 4.52
C PHE F 175 -22.76 18.58 5.56
N ALA F 176 -22.15 17.46 5.95
CA ALA F 176 -22.75 16.64 6.99
C ALA F 176 -22.76 17.37 8.33
N THR F 177 -21.63 17.99 8.70
CA THR F 177 -21.61 18.76 9.94
C THR F 177 -22.56 19.94 9.88
N ALA F 178 -22.64 20.61 8.72
CA ALA F 178 -23.60 21.71 8.59
C ALA F 178 -25.03 21.23 8.77
N ALA F 179 -25.36 20.07 8.19
CA ALA F 179 -26.71 19.53 8.31
C ALA F 179 -27.05 19.20 9.76
N MET F 180 -26.11 18.58 10.48
CA MET F 180 -26.40 18.25 11.88
C MET F 180 -26.47 19.51 12.74
N ASP F 181 -25.56 20.47 12.53
CA ASP F 181 -25.61 21.71 13.29
C ASP F 181 -26.88 22.49 12.99
N ALA F 182 -27.46 22.33 11.81
CA ALA F 182 -28.77 22.90 11.53
C ALA F 182 -29.90 22.22 12.30
N ALA F 183 -29.64 21.05 12.88
CA ALA F 183 -30.62 20.37 13.72
C ALA F 183 -30.45 20.69 15.20
N SER F 184 -29.42 21.45 15.57
CA SER F 184 -29.21 21.78 16.98
C SER F 184 -30.33 22.65 17.52
N MET F 185 -30.65 23.73 16.81
CA MET F 185 -31.75 24.61 17.18
C MET F 185 -33.07 24.19 16.55
N HIS F 186 -33.08 23.04 15.87
CA HIS F 186 -34.29 22.43 15.33
C HIS F 186 -34.88 23.22 14.16
N LEU F 187 -34.05 24.01 13.46
CA LEU F 187 -34.54 24.62 12.24
C LEU F 187 -34.62 23.57 11.14
N PRO F 188 -35.55 23.71 10.19
CA PRO F 188 -35.73 22.67 9.16
C PRO F 188 -34.45 22.47 8.35
N VAL F 189 -34.15 21.20 8.07
CA VAL F 189 -32.97 20.82 7.32
C VAL F 189 -33.38 19.84 6.22
N ASP F 190 -33.51 20.35 5.02
CA ASP F 190 -33.73 19.55 3.81
C ASP F 190 -32.83 19.97 2.67
N GLY F 191 -32.49 21.26 2.58
CA GLY F 191 -31.59 21.71 1.55
C GLY F 191 -30.19 21.15 1.71
N TYR F 192 -29.78 20.85 2.93
CA TYR F 192 -28.48 20.27 3.20
C TYR F 192 -28.42 18.79 2.89
N LEU F 193 -29.58 18.14 2.78
CA LEU F 193 -29.63 16.73 2.39
C LEU F 193 -29.68 16.55 0.87
N ALA F 194 -30.17 17.54 0.15
CA ALA F 194 -30.11 17.50 -1.31
C ALA F 194 -28.67 17.56 -1.80
N ILE F 195 -27.84 18.37 -1.13
CA ILE F 195 -26.44 18.55 -1.52
C ILE F 195 -25.67 17.28 -1.17
N LEU F 196 -26.23 16.45 -0.30
CA LEU F 196 -25.67 15.14 -0.01
C LEU F 196 -26.14 14.06 -0.96
N GLY F 197 -27.42 14.03 -1.29
CA GLY F 197 -27.91 13.07 -2.26
C GLY F 197 -27.34 13.27 -3.65
N ALA F 198 -27.24 14.52 -4.10
CA ALA F 198 -26.64 14.79 -5.40
C ALA F 198 -25.17 14.37 -5.42
N LEU F 199 -24.44 14.66 -4.35
CA LEU F 199 -23.04 14.27 -4.28
C LEU F 199 -22.88 12.76 -4.23
N LEU F 200 -23.80 12.08 -3.53
CA LEU F 200 -23.79 10.62 -3.50
C LEU F 200 -24.02 10.05 -4.90
N ALA F 201 -24.99 10.60 -5.63
CA ALA F 201 -25.23 10.14 -6.99
C ALA F 201 -24.01 10.39 -7.87
N GLY F 202 -23.39 11.56 -7.73
CA GLY F 202 -22.22 11.87 -8.52
C GLY F 202 -21.06 10.94 -8.25
N THR F 203 -20.83 10.60 -6.98
CA THR F 203 -19.74 9.70 -6.63
C THR F 203 -20.11 8.23 -6.84
N ALA F 204 -21.39 7.92 -7.05
CA ALA F 204 -21.81 6.57 -7.35
C ALA F 204 -21.92 6.29 -8.85
N THR F 205 -21.96 7.33 -9.67
CA THR F 205 -21.99 7.14 -11.13
C THR F 205 -20.66 7.47 -11.77
N LEU F 206 -19.62 7.76 -10.98
CA LEU F 206 -18.31 8.05 -11.54
C LEU F 206 -17.17 7.31 -10.87
N SER F 207 -17.34 6.77 -9.66
CA SER F 207 -16.27 6.09 -8.96
C SER F 207 -16.05 4.66 -9.47
N PRO F 208 -17.11 3.87 -9.74
CA PRO F 208 -16.84 2.52 -10.28
C PRO F 208 -16.01 2.52 -11.54
N PHE F 209 -16.24 3.48 -12.45
CA PHE F 209 -15.43 3.53 -13.67
C PHE F 209 -14.00 3.93 -13.38
N ALA F 210 -13.79 4.92 -12.50
CA ALA F 210 -12.43 5.28 -12.12
C ALA F 210 -11.73 4.15 -11.38
N THR F 211 -12.45 3.47 -10.49
CA THR F 211 -11.86 2.35 -9.75
C THR F 211 -11.53 1.18 -10.68
N ALA F 212 -12.33 0.97 -11.72
CA ALA F 212 -12.03 -0.09 -12.68
C ALA F 212 -10.70 0.19 -13.37
N ALA F 213 -10.49 1.43 -13.82
CA ALA F 213 -9.23 1.80 -14.45
C ALA F 213 -8.08 1.69 -13.45
N ALA F 214 -8.29 2.11 -12.21
CA ALA F 214 -7.25 2.00 -11.20
C ALA F 214 -6.86 0.54 -10.97
N LEU F 215 -7.84 -0.35 -10.90
CA LEU F 215 -7.55 -1.77 -10.74
C LEU F 215 -6.81 -2.33 -11.94
N ARG F 216 -7.21 -1.91 -13.15
CA ARG F 216 -6.52 -2.37 -14.35
C ARG F 216 -5.05 -1.95 -14.34
N ILE F 217 -4.79 -0.71 -13.91
CA ILE F 217 -3.42 -0.23 -13.82
C ILE F 217 -2.65 -1.02 -12.76
N SER F 218 -3.27 -1.24 -11.60
CA SER F 218 -2.59 -1.91 -10.50
C SER F 218 -2.25 -3.36 -10.85
N ILE F 219 -3.15 -4.04 -11.54
CA ILE F 219 -2.93 -5.44 -11.89
C ILE F 219 -1.71 -5.58 -12.79
N GLN F 220 -1.59 -4.72 -13.79
CA GLN F 220 -0.48 -4.75 -14.73
C GLN F 220 0.86 -4.45 -14.04
MG MG G . 3.22 -28.17 2.27
P PO4 H . 2.15 -31.22 2.29
O1 PO4 H . 3.24 -30.19 2.05
O2 PO4 H . 1.12 -31.11 1.20
O3 PO4 H . 2.74 -32.59 2.29
O4 PO4 H . 1.51 -30.95 3.63
P 3PE I . 12.25 13.87 -7.89
N 3PE I . 13.20 9.67 -7.82
O11 3PE I . 12.29 14.77 -6.58
O12 3PE I . 13.31 14.47 -8.74
O13 3PE I . 12.75 12.47 -7.28
O14 3PE I . 10.88 13.68 -8.45
C11 3PE I . 14.14 12.01 -7.49
C12 3PE I . 14.40 10.51 -7.71
C1 3PE I . 11.33 14.56 -5.53
C2 3PE I . 11.09 15.87 -4.83
C3 3PE I . 11.62 17.07 -5.56
O31 3PE I . 12.65 17.69 -4.75
O32 3PE I . 13.15 19.74 -5.32
C31 3PE I . 12.56 18.99 -4.62
C32 3PE I . 11.66 19.37 -3.51
C33 3PE I . 11.75 20.81 -3.15
C34 3PE I . 11.26 21.10 -1.76
C35 3PE I . 11.63 22.46 -1.26
C36 3PE I . 11.02 22.81 0.07
C37 3PE I . 11.41 24.16 0.56
C38 3PE I . 12.84 24.27 0.98
C39 3PE I . 13.05 24.81 2.35
C3A 3PE I . 12.18 25.97 2.73
O21 3PE I . 9.66 16.02 -4.70
O22 3PE I . 9.43 15.82 -2.51
C21 3PE I . 9.19 16.41 -3.52
C22 3PE I . 8.37 17.64 -3.61
C23 3PE I . 8.02 18.19 -2.29
C24 3PE I . 7.05 19.33 -2.39
C25 3PE I . 6.43 19.74 -1.10
C26 3PE I . 6.79 21.13 -0.67
C27 3PE I . 6.48 21.37 0.77
C28 3PE I . 7.40 22.34 1.44
C29 3PE I . 7.74 21.98 2.86
C2A 3PE I . 8.81 22.86 3.43
C2B 3PE I . 9.29 22.50 4.80
C2C 3PE I . 9.87 23.68 5.52
C2D 3PE I . 8.88 24.58 6.23
C2E 3PE I . 8.09 23.86 7.30
C2F 3PE I . 7.08 24.73 8.03
C2G 3PE I . 7.55 26.12 8.39
C2H 3PE I . 6.51 26.90 9.13
C2I 3PE I . 6.29 26.41 10.53
MG MG J . 5.52 -17.38 -13.77
P PO4 K . 8.25 -17.33 -15.63
O1 PO4 K . 8.17 -15.84 -15.49
O2 PO4 K . 9.29 -17.88 -14.68
O3 PO4 K . 8.64 -17.67 -17.05
O4 PO4 K . 6.91 -17.93 -15.31
#